data_6LL4
#
_entry.id   6LL4
#
_cell.length_a   91.887
_cell.length_b   91.887
_cell.length_c   242.157
_cell.angle_alpha   90.000
_cell.angle_beta   90.000
_cell.angle_gamma   120.000
#
_symmetry.space_group_name_H-M   'P 65'
#
loop_
_entity.id
_entity.type
_entity.pdbx_description
1 polymer 'Terminal oxygenase component of carbazole'
2 non-polymer 'FE2/S2 (INORGANIC) CLUSTER'
3 non-polymer 'FE (III) ION'
4 non-polymer (9aR)-9a-(dioxidanyl)-1,9-dihydrocarbazole
5 non-polymer 1,2-ETHANEDIOL
6 non-polymer DI(HYDROXYETHYL)ETHER
7 non-polymer 'TRIETHYLENE GLYCOL'
8 non-polymer 'DIMETHYL SULFOXIDE'
9 non-polymer "2'-amino[1,1'-biphenyl]-2,3-diol"
10 non-polymer 'MAGNESIUM ION'
11 water water
#
_entity_poly.entity_id   1
_entity_poly.type   'polypeptide(L)'
_entity_poly.pdbx_seq_one_letter_code
;MANVDEAILKRVKGWAPYVDAKLGFRNHWYPVMFSKEINEGEPKTLKLLGENLLVNRIDGKLYCLKDRCLHRGVQLSVKV
ECKTKSTITCWYHAWTYRWEDGVLCDILTNPTSAQIGRQKLKTYPVQEAKGCVFIYLGDGDPPPLARDTPPNFLDDDMEI
LGKNQIIKSNWRLAVENGFDPSHIYIHKDSILVKDNDLALPLGFAPGGDRKQQTRVVDDDVVGRKGVYDLIGEHGVPVFE
GTIGGEVVREGAYGEKIVANDISIWLPGVLKVNPFPNPDMMQFEWYVPIDENTHYYFQTLGKPCANDEERKKYEQEFESK
WKPMALEGFNNDDIWAREAMVDFYADDKGWVNEILFESDEAIVAWRKLASEHNQGIQTQAHVSGLEHHHHHH
;
_entity_poly.pdbx_strand_id   A,B,C
#
# COMPACT_ATOMS: atom_id res chain seq x y z
N ALA A 2 10.31 9.63 -19.10
CA ALA A 2 8.87 9.16 -19.16
C ALA A 2 8.39 8.58 -17.81
N ASN A 3 9.30 8.02 -17.00
CA ASN A 3 8.92 7.26 -15.77
C ASN A 3 9.33 7.98 -14.48
N VAL A 4 10.30 8.90 -14.56
CA VAL A 4 10.94 9.48 -13.39
C VAL A 4 10.84 11.00 -13.51
N ASP A 5 10.42 11.63 -12.42
CA ASP A 5 10.45 13.07 -12.27
C ASP A 5 11.63 13.66 -13.08
N GLU A 6 11.29 14.60 -13.97
CA GLU A 6 12.27 15.37 -14.78
C GLU A 6 13.35 16.02 -13.89
N ALA A 7 12.96 16.44 -12.68
CA ALA A 7 13.90 17.09 -11.75
C ALA A 7 15.03 16.12 -11.39
N ILE A 8 14.68 14.86 -11.16
CA ILE A 8 15.68 13.83 -10.84
C ILE A 8 16.55 13.58 -12.08
N LEU A 9 15.93 13.51 -13.27
CA LEU A 9 16.66 13.09 -14.50
C LEU A 9 17.75 14.11 -14.86
N LYS A 10 17.46 15.40 -14.73
CA LYS A 10 18.42 16.42 -15.20
C LYS A 10 19.58 16.56 -14.21
N ARG A 11 19.57 15.77 -13.14
CA ARG A 11 20.67 15.72 -12.19
C ARG A 11 21.41 14.38 -12.28
N VAL A 12 21.11 13.56 -13.29
CA VAL A 12 21.89 12.35 -13.60
C VAL A 12 22.16 12.34 -15.11
N LYS A 13 22.76 13.43 -15.59
CA LYS A 13 22.92 13.65 -17.03
C LYS A 13 23.95 12.69 -17.63
N GLY A 14 24.83 12.12 -16.81
CA GLY A 14 25.69 11.03 -17.22
C GLY A 14 24.93 9.83 -17.77
N TRP A 15 23.72 9.53 -17.26
CA TRP A 15 23.08 8.22 -17.54
C TRP A 15 21.56 8.27 -17.34
N ALA A 16 20.91 9.32 -17.85
CA ALA A 16 19.51 9.65 -17.53
C ALA A 16 18.54 8.58 -18.04
N PRO A 17 18.70 8.06 -19.28
CA PRO A 17 17.81 7.01 -19.81
C PRO A 17 17.76 5.75 -18.92
N TYR A 18 18.91 5.36 -18.38
CA TYR A 18 19.00 4.22 -17.46
C TYR A 18 18.21 4.45 -16.16
N VAL A 19 18.27 5.68 -15.63
CA VAL A 19 17.57 6.00 -14.40
C VAL A 19 16.06 6.02 -14.67
N ASP A 20 15.70 6.31 -15.92
CA ASP A 20 14.31 6.39 -16.31
C ASP A 20 13.74 4.98 -16.55
N ALA A 21 14.62 4.01 -16.85
CA ALA A 21 14.26 2.66 -17.32
C ALA A 21 13.84 1.76 -16.15
N LYS A 22 12.86 2.24 -15.40
CA LYS A 22 12.38 1.66 -14.18
C LYS A 22 11.73 0.28 -14.47
N LEU A 23 11.06 0.18 -15.62
CA LEU A 23 10.38 -1.06 -16.07
C LEU A 23 11.29 -1.87 -17.00
N GLY A 24 12.52 -1.41 -17.21
CA GLY A 24 13.47 -2.04 -18.13
C GLY A 24 13.34 -1.54 -19.56
N PHE A 25 14.06 -2.21 -20.46
CA PHE A 25 14.26 -1.77 -21.79
C PHE A 25 13.43 -2.63 -22.73
N ARG A 26 12.62 -1.94 -23.52
CA ARG A 26 11.82 -2.55 -24.56
C ARG A 26 12.71 -2.91 -25.75
N ASN A 27 12.27 -3.90 -26.54
CA ASN A 27 12.86 -4.31 -27.80
C ASN A 27 14.18 -5.05 -27.57
N HIS A 28 14.21 -5.88 -26.52
CA HIS A 28 15.26 -6.86 -26.26
C HIS A 28 14.61 -8.19 -25.94
N TRP A 29 15.39 -9.26 -26.08
CA TRP A 29 14.97 -10.59 -25.67
C TRP A 29 15.17 -10.75 -24.16
N TYR A 30 14.25 -11.45 -23.47
CA TYR A 30 14.39 -11.79 -22.03
C TYR A 30 14.02 -13.26 -21.78
N PRO A 31 14.79 -13.99 -20.93
CA PRO A 31 14.38 -15.31 -20.45
C PRO A 31 13.29 -15.17 -19.38
N VAL A 32 12.28 -16.03 -19.39
CA VAL A 32 11.17 -15.94 -18.40
C VAL A 32 10.90 -17.29 -17.74
N MET A 33 11.34 -18.39 -18.35
CA MET A 33 11.19 -19.71 -17.75
C MET A 33 12.06 -20.70 -18.52
N PHE A 34 12.07 -21.96 -18.05
CA PHE A 34 12.75 -23.06 -18.72
C PHE A 34 11.72 -23.82 -19.57
N SER A 35 12.22 -24.31 -20.72
CA SER A 35 11.47 -25.08 -21.71
C SER A 35 10.66 -26.19 -21.04
N LYS A 36 11.31 -26.89 -20.13
CA LYS A 36 10.73 -28.03 -19.45
C LYS A 36 9.54 -27.60 -18.57
N GLU A 37 9.40 -26.31 -18.27
CA GLU A 37 8.39 -25.85 -17.34
C GLU A 37 7.07 -25.64 -18.09
N ILE A 38 7.08 -25.86 -19.40
CA ILE A 38 5.90 -25.65 -20.16
C ILE A 38 5.70 -26.83 -21.11
N ASN A 39 4.59 -27.53 -20.86
CA ASN A 39 4.19 -28.69 -21.62
C ASN A 39 3.20 -28.25 -22.70
N GLU A 40 3.14 -29.09 -23.73
CA GLU A 40 2.18 -29.02 -24.82
C GLU A 40 0.79 -28.66 -24.27
N GLY A 41 0.17 -27.64 -24.87
CA GLY A 41 -1.20 -27.20 -24.56
C GLY A 41 -1.42 -26.84 -23.09
N GLU A 42 -0.36 -26.44 -22.38
CA GLU A 42 -0.42 -25.99 -20.97
C GLU A 42 -0.03 -24.51 -20.87
N PRO A 43 -0.94 -23.56 -21.18
CA PRO A 43 -0.62 -22.14 -21.14
C PRO A 43 -0.13 -21.68 -19.76
N LYS A 44 0.92 -20.85 -19.74
CA LYS A 44 1.43 -20.25 -18.50
C LYS A 44 1.30 -18.74 -18.63
N THR A 45 0.88 -18.07 -17.54
CA THR A 45 0.87 -16.61 -17.48
C THR A 45 2.13 -16.13 -16.73
N LEU A 46 2.65 -14.99 -17.15
CA LEU A 46 3.71 -14.32 -16.42
C LEU A 46 3.66 -12.83 -16.74
N LYS A 47 4.46 -12.05 -16.03
CA LYS A 47 4.48 -10.63 -16.21
C LYS A 47 5.92 -10.21 -16.59
N LEU A 48 6.05 -9.51 -17.71
CA LEU A 48 7.36 -9.09 -18.22
C LEU A 48 7.31 -7.62 -18.62
N LEU A 49 8.25 -6.83 -18.04
CA LEU A 49 8.31 -5.40 -18.25
C LEU A 49 6.93 -4.78 -17.97
N GLY A 50 6.19 -5.36 -17.02
CA GLY A 50 4.92 -4.82 -16.52
C GLY A 50 3.72 -5.26 -17.33
N GLU A 51 3.94 -6.08 -18.35
CA GLU A 51 2.86 -6.59 -19.21
C GLU A 51 2.57 -8.04 -18.83
N ASN A 52 1.30 -8.36 -18.59
CA ASN A 52 0.86 -9.75 -18.43
C ASN A 52 0.86 -10.47 -19.79
N LEU A 53 1.55 -11.61 -19.85
CA LEU A 53 1.65 -12.39 -21.08
C LEU A 53 1.16 -13.81 -20.85
N LEU A 54 0.67 -14.43 -21.91
CA LEU A 54 0.35 -15.85 -21.98
C LEU A 54 1.32 -16.53 -22.93
N VAL A 55 1.96 -17.60 -22.47
CA VAL A 55 2.76 -18.48 -23.30
C VAL A 55 2.08 -19.83 -23.38
N ASN A 56 2.08 -20.42 -24.58
CA ASN A 56 1.56 -21.77 -24.82
C ASN A 56 2.50 -22.52 -25.78
N ARG A 57 2.54 -23.85 -25.62
CA ARG A 57 3.28 -24.74 -26.52
C ARG A 57 2.27 -25.53 -27.37
N ILE A 58 2.30 -25.27 -28.68
CA ILE A 58 1.40 -25.86 -29.62
C ILE A 58 2.22 -26.59 -30.70
N ASP A 59 2.03 -27.91 -30.73
CA ASP A 59 2.79 -28.82 -31.56
C ASP A 59 4.30 -28.60 -31.34
N GLY A 60 4.71 -28.45 -30.07
CA GLY A 60 6.13 -28.31 -29.66
C GLY A 60 6.69 -26.90 -29.81
N LYS A 61 6.03 -26.02 -30.57
CA LYS A 61 6.46 -24.65 -30.78
C LYS A 61 5.78 -23.68 -29.78
N LEU A 62 6.53 -22.69 -29.29
CA LEU A 62 6.01 -21.68 -28.35
C LEU A 62 5.42 -20.47 -29.09
N TYR A 63 4.34 -19.96 -28.50
CA TYR A 63 3.62 -18.77 -28.96
C TYR A 63 3.33 -17.89 -27.74
N CYS A 64 3.31 -16.56 -27.93
CA CYS A 64 3.04 -15.63 -26.86
C CYS A 64 2.00 -14.58 -27.27
N LEU A 65 0.91 -14.49 -26.49
CA LEU A 65 -0.12 -13.44 -26.60
C LEU A 65 -0.10 -12.58 -25.35
N LYS A 66 -0.50 -11.32 -25.52
CA LYS A 66 -0.76 -10.47 -24.37
C LYS A 66 -1.99 -11.02 -23.63
N ASP A 67 -1.85 -11.18 -22.30
CA ASP A 67 -2.88 -11.73 -21.43
C ASP A 67 -3.83 -10.60 -21.01
N ARG A 68 -4.51 -10.03 -22.00
CA ARG A 68 -5.45 -8.94 -21.79
C ARG A 68 -6.40 -8.85 -22.99
N CYS A 69 -7.65 -9.26 -22.79
CA CYS A 69 -8.66 -9.26 -23.89
C CYS A 69 -8.82 -7.81 -24.41
N LEU A 70 -8.94 -7.69 -25.74
CA LEU A 70 -9.12 -6.41 -26.43
C LEU A 70 -10.44 -5.75 -26.01
N HIS A 71 -11.38 -6.55 -25.51
CA HIS A 71 -12.78 -6.12 -25.33
C HIS A 71 -12.95 -5.36 -24.01
N ARG A 72 -12.90 -6.07 -22.87
CA ARG A 72 -13.06 -5.44 -21.53
C ARG A 72 -11.80 -5.63 -20.66
N GLY A 73 -10.67 -5.99 -21.28
CA GLY A 73 -9.37 -5.84 -20.61
C GLY A 73 -9.12 -6.86 -19.51
N VAL A 74 -9.89 -7.95 -19.50
CA VAL A 74 -9.69 -9.04 -18.51
C VAL A 74 -8.49 -9.89 -18.94
N GLN A 75 -7.80 -10.49 -17.96
CA GLN A 75 -6.81 -11.51 -18.25
C GLN A 75 -7.56 -12.76 -18.70
N LEU A 76 -7.15 -13.27 -19.85
CA LEU A 76 -7.66 -14.50 -20.42
C LEU A 76 -7.39 -15.66 -19.45
N SER A 77 -6.24 -15.58 -18.76
CA SER A 77 -5.70 -16.60 -17.84
C SER A 77 -6.56 -16.81 -16.58
N VAL A 78 -7.53 -15.94 -16.30
CA VAL A 78 -8.51 -16.16 -15.21
C VAL A 78 -9.27 -17.48 -15.44
N LYS A 79 -9.53 -17.80 -16.72
CA LYS A 79 -10.13 -19.07 -17.08
C LYS A 79 -9.80 -19.33 -18.55
N VAL A 80 -8.72 -20.06 -18.75
CA VAL A 80 -8.21 -20.40 -20.03
C VAL A 80 -9.20 -21.35 -20.72
N GLU A 81 -9.67 -20.96 -21.89
CA GLU A 81 -10.48 -21.81 -22.75
C GLU A 81 -9.74 -21.92 -24.08
N CYS A 82 -8.98 -22.99 -24.27
CA CYS A 82 -8.35 -23.28 -25.53
C CYS A 82 -9.19 -24.36 -26.25
N LYS A 83 -10.07 -23.94 -27.16
CA LYS A 83 -11.13 -24.81 -27.71
C LYS A 83 -10.68 -25.51 -29.00
N THR A 84 -9.70 -24.93 -29.72
CA THR A 84 -8.98 -25.58 -30.82
C THR A 84 -7.48 -25.36 -30.55
N LYS A 85 -6.61 -26.19 -31.16
CA LYS A 85 -5.18 -26.05 -30.86
CA LYS A 85 -5.14 -26.09 -30.99
C LYS A 85 -4.70 -24.67 -31.31
N SER A 86 -5.34 -24.08 -32.33
CA SER A 86 -4.82 -22.88 -32.93
C SER A 86 -5.30 -21.58 -32.23
N THR A 87 -6.18 -21.70 -31.22
CA THR A 87 -6.89 -20.52 -30.71
C THR A 87 -7.01 -20.54 -29.18
N ILE A 88 -7.32 -19.37 -28.62
CA ILE A 88 -7.78 -19.23 -27.24
C ILE A 88 -9.04 -18.38 -27.25
N THR A 89 -9.98 -18.74 -26.37
CA THR A 89 -11.27 -18.13 -26.29
C THR A 89 -11.37 -17.43 -24.93
N CYS A 90 -11.51 -16.09 -24.94
CA CYS A 90 -11.81 -15.37 -23.72
C CYS A 90 -13.03 -15.99 -23.01
N TRP A 91 -12.87 -16.25 -21.71
CA TRP A 91 -13.92 -16.82 -20.87
C TRP A 91 -15.14 -15.89 -20.74
N TYR A 92 -14.97 -14.59 -21.00
CA TYR A 92 -15.98 -13.61 -20.67
C TYR A 92 -17.04 -13.53 -21.78
N HIS A 93 -16.66 -13.09 -22.98
CA HIS A 93 -17.67 -13.00 -24.08
C HIS A 93 -17.21 -13.80 -25.30
N ALA A 94 -16.23 -14.68 -25.10
CA ALA A 94 -15.75 -15.63 -26.09
C ALA A 94 -15.17 -14.97 -27.36
N TRP A 95 -14.55 -13.79 -27.25
CA TRP A 95 -13.67 -13.36 -28.34
C TRP A 95 -12.56 -14.40 -28.48
N THR A 96 -12.32 -14.85 -29.72
CA THR A 96 -11.43 -15.95 -29.95
C THR A 96 -10.26 -15.47 -30.81
N TYR A 97 -9.04 -15.73 -30.34
CA TYR A 97 -7.86 -15.27 -31.02
C TYR A 97 -6.94 -16.42 -31.46
N ARG A 98 -6.27 -16.22 -32.60
CA ARG A 98 -5.19 -17.07 -33.03
C ARG A 98 -3.90 -16.81 -32.24
N TRP A 99 -3.31 -17.89 -31.76
CA TRP A 99 -2.01 -17.88 -31.15
C TRP A 99 -0.93 -17.40 -32.12
N GLU A 100 -1.04 -17.71 -33.41
CA GLU A 100 0.13 -17.52 -34.28
C GLU A 100 0.28 -16.03 -34.64
N ASP A 101 -0.82 -15.28 -34.69
CA ASP A 101 -0.77 -13.90 -35.15
C ASP A 101 -1.70 -12.98 -34.32
N GLY A 102 -2.47 -13.52 -33.38
CA GLY A 102 -3.32 -12.69 -32.48
C GLY A 102 -4.60 -12.16 -33.13
N VAL A 103 -4.89 -12.56 -34.37
CA VAL A 103 -6.08 -12.10 -35.05
C VAL A 103 -7.32 -12.65 -34.34
N LEU A 104 -8.30 -11.77 -34.13
CA LEU A 104 -9.63 -12.09 -33.66
C LEU A 104 -10.34 -12.77 -34.84
N CYS A 105 -10.42 -14.10 -34.82
CA CYS A 105 -10.91 -14.91 -35.96
C CYS A 105 -12.38 -15.32 -35.77
N ASP A 106 -12.86 -15.36 -34.51
CA ASP A 106 -14.24 -15.74 -34.20
C ASP A 106 -14.70 -15.03 -32.92
N ILE A 107 -16.03 -14.84 -32.78
CA ILE A 107 -16.67 -14.50 -31.51
C ILE A 107 -17.90 -15.40 -31.32
N LEU A 108 -17.80 -16.35 -30.37
CA LEU A 108 -18.85 -17.34 -30.12
C LEU A 108 -20.15 -16.65 -29.70
N THR A 109 -20.07 -15.50 -29.00
CA THR A 109 -21.29 -14.83 -28.53
C THR A 109 -21.97 -14.01 -29.64
N ASN A 110 -21.27 -13.79 -30.77
CA ASN A 110 -21.81 -13.05 -31.89
C ASN A 110 -20.99 -13.34 -33.16
N PRO A 111 -21.30 -14.43 -33.88
CA PRO A 111 -20.50 -14.82 -35.06
C PRO A 111 -20.60 -13.86 -36.26
N THR A 112 -21.48 -12.88 -36.20
CA THR A 112 -21.64 -11.93 -37.29
C THR A 112 -21.01 -10.57 -36.96
N SER A 113 -20.29 -10.49 -35.84
CA SER A 113 -19.74 -9.21 -35.37
C SER A 113 -18.85 -8.60 -36.45
N ALA A 114 -18.92 -7.28 -36.60
CA ALA A 114 -18.02 -6.54 -37.50
C ALA A 114 -16.57 -6.55 -36.96
N GLN A 115 -16.35 -6.95 -35.70
CA GLN A 115 -14.94 -6.94 -35.13
C GLN A 115 -14.11 -8.12 -35.66
N ILE A 116 -14.78 -9.21 -36.08
CA ILE A 116 -14.13 -10.45 -36.51
C ILE A 116 -13.21 -10.12 -37.71
N GLY A 117 -11.93 -10.49 -37.57
CA GLY A 117 -10.94 -10.27 -38.61
C GLY A 117 -10.47 -8.82 -38.69
N ARG A 118 -11.00 -7.93 -37.85
CA ARG A 118 -10.72 -6.50 -37.90
C ARG A 118 -9.98 -6.03 -36.64
N GLN A 119 -9.62 -6.97 -35.75
CA GLN A 119 -8.83 -6.66 -34.56
C GLN A 119 -7.73 -7.71 -34.39
N LYS A 120 -6.69 -7.32 -33.66
CA LYS A 120 -5.52 -8.15 -33.44
C LYS A 120 -5.01 -7.95 -32.00
N LEU A 121 -4.85 -9.03 -31.25
CA LEU A 121 -4.27 -9.02 -29.93
C LEU A 121 -2.74 -8.98 -30.08
N LYS A 122 -2.07 -8.17 -29.28
CA LYS A 122 -0.62 -8.08 -29.33
C LYS A 122 0.04 -9.46 -29.12
N THR A 123 0.98 -9.82 -30.00
CA THR A 123 1.80 -11.04 -29.85
C THR A 123 3.25 -10.60 -29.66
N TYR A 124 4.07 -11.49 -29.11
CA TYR A 124 5.46 -11.23 -28.95
C TYR A 124 6.23 -12.46 -29.43
N PRO A 125 7.33 -12.29 -30.19
CA PRO A 125 8.12 -13.44 -30.61
C PRO A 125 8.60 -14.23 -29.39
N VAL A 126 8.68 -15.55 -29.57
CA VAL A 126 9.22 -16.42 -28.56
C VAL A 126 10.14 -17.42 -29.25
N GLN A 127 11.23 -17.74 -28.56
CA GLN A 127 12.28 -18.62 -29.06
C GLN A 127 12.89 -19.36 -27.87
N GLU A 128 13.18 -20.64 -28.06
CA GLU A 128 13.84 -21.48 -27.05
C GLU A 128 15.29 -21.73 -27.46
N ALA A 129 16.20 -21.68 -26.49
CA ALA A 129 17.59 -21.91 -26.71
C ALA A 129 18.19 -22.40 -25.38
N LYS A 130 18.97 -23.48 -25.43
CA LYS A 130 19.65 -23.97 -24.22
C LYS A 130 18.65 -24.27 -23.08
N GLY A 131 17.47 -24.79 -23.45
CA GLY A 131 16.38 -25.10 -22.56
C GLY A 131 15.83 -23.89 -21.82
N CYS A 132 16.04 -22.68 -22.37
CA CYS A 132 15.50 -21.42 -21.80
C CYS A 132 14.48 -20.79 -22.78
N VAL A 133 13.38 -20.25 -22.25
CA VAL A 133 12.37 -19.58 -23.04
C VAL A 133 12.62 -18.08 -23.00
N PHE A 134 12.86 -17.48 -24.18
CA PHE A 134 13.12 -16.08 -24.36
C PHE A 134 11.92 -15.43 -25.07
N ILE A 135 11.47 -14.29 -24.53
CA ILE A 135 10.44 -13.54 -25.18
C ILE A 135 11.04 -12.20 -25.64
N TYR A 136 10.74 -11.83 -26.87
CA TYR A 136 11.12 -10.57 -27.43
C TYR A 136 10.05 -9.54 -27.08
N LEU A 137 10.23 -8.86 -25.96
CA LEU A 137 9.26 -7.89 -25.47
C LEU A 137 9.56 -6.58 -26.19
N GLY A 138 9.03 -6.48 -27.40
CA GLY A 138 9.31 -5.38 -28.29
C GLY A 138 8.46 -5.49 -29.54
N ASP A 139 8.66 -4.54 -30.45
CA ASP A 139 7.80 -4.31 -31.59
C ASP A 139 8.60 -4.59 -32.85
N GLY A 140 7.90 -4.95 -33.92
CA GLY A 140 8.53 -5.17 -35.21
C GLY A 140 9.34 -6.45 -35.18
N ASP A 141 10.17 -6.63 -36.23
CA ASP A 141 10.90 -7.86 -36.47
C ASP A 141 12.01 -7.98 -35.44
N PRO A 142 12.19 -9.15 -34.76
CA PRO A 142 13.24 -9.28 -33.75
C PRO A 142 14.65 -9.44 -34.32
N PRO A 143 15.69 -9.01 -33.56
CA PRO A 143 17.08 -9.26 -33.95
C PRO A 143 17.36 -10.72 -33.63
N PRO A 144 18.54 -11.27 -34.01
CA PRO A 144 18.94 -12.59 -33.53
C PRO A 144 19.00 -12.58 -32.00
N LEU A 145 18.71 -13.73 -31.39
CA LEU A 145 18.78 -13.90 -29.95
C LEU A 145 20.19 -13.60 -29.44
N ALA A 146 21.20 -13.97 -30.24
CA ALA A 146 22.59 -13.80 -29.88
C ALA A 146 22.91 -12.34 -29.49
N ARG A 147 22.22 -11.37 -30.08
CA ARG A 147 22.50 -9.97 -29.75
C ARG A 147 22.29 -9.71 -28.25
N ASP A 148 21.30 -10.36 -27.65
CA ASP A 148 20.91 -10.06 -26.26
C ASP A 148 21.36 -11.15 -25.29
N THR A 149 22.40 -11.90 -25.66
CA THR A 149 22.93 -12.95 -24.79
C THR A 149 24.43 -12.75 -24.66
N PRO A 150 25.03 -13.13 -23.53
CA PRO A 150 26.46 -12.92 -23.36
C PRO A 150 27.27 -13.89 -24.23
N PRO A 151 28.52 -13.52 -24.58
CA PRO A 151 29.38 -14.37 -25.39
C PRO A 151 29.49 -15.77 -24.76
N ASN A 152 29.44 -16.77 -25.65
CA ASN A 152 29.60 -18.21 -25.41
C ASN A 152 28.31 -18.86 -24.91
N PHE A 153 27.28 -18.07 -24.56
CA PHE A 153 26.08 -18.65 -24.00
C PHE A 153 25.45 -19.63 -25.01
N LEU A 154 25.51 -19.29 -26.31
CA LEU A 154 24.95 -20.10 -27.40
C LEU A 154 26.01 -20.96 -28.11
N ASP A 155 27.20 -21.18 -27.55
CA ASP A 155 28.18 -22.14 -28.16
C ASP A 155 27.55 -23.53 -28.22
N ASP A 156 27.82 -24.27 -29.29
CA ASP A 156 27.15 -25.54 -29.57
C ASP A 156 27.47 -26.60 -28.50
N ASP A 157 28.57 -26.48 -27.78
CA ASP A 157 28.94 -27.47 -26.76
C ASP A 157 28.59 -26.98 -25.33
N MET A 158 28.07 -25.76 -25.22
CA MET A 158 27.80 -25.14 -23.91
C MET A 158 26.45 -25.64 -23.42
N GLU A 159 26.48 -26.39 -22.32
CA GLU A 159 25.30 -26.96 -21.74
C GLU A 159 24.87 -26.04 -20.59
N ILE A 160 23.58 -25.66 -20.62
CA ILE A 160 23.00 -24.68 -19.71
C ILE A 160 22.03 -25.41 -18.78
N LEU A 161 22.18 -25.18 -17.47
CA LEU A 161 21.27 -25.60 -16.41
C LEU A 161 21.08 -24.43 -15.44
N GLY A 162 19.88 -24.28 -14.87
CA GLY A 162 19.81 -23.32 -13.78
C GLY A 162 18.53 -23.33 -12.99
N LYS A 163 18.24 -22.14 -12.45
CA LYS A 163 17.14 -21.88 -11.59
C LYS A 163 16.62 -20.45 -11.84
N ASN A 164 15.32 -20.28 -11.58
CA ASN A 164 14.58 -19.02 -11.74
C ASN A 164 13.81 -18.75 -10.44
N GLN A 165 13.80 -17.49 -9.99
CA GLN A 165 12.91 -17.09 -8.90
C GLN A 165 12.57 -15.59 -9.01
N ILE A 166 11.43 -15.23 -8.42
CA ILE A 166 10.93 -13.87 -8.34
C ILE A 166 11.50 -13.24 -7.06
N ILE A 167 12.16 -12.08 -7.22
CA ILE A 167 12.82 -11.35 -6.15
C ILE A 167 12.24 -9.93 -6.12
N LYS A 168 11.90 -9.41 -4.94
CA LYS A 168 11.31 -8.07 -4.78
C LYS A 168 12.41 -7.01 -4.70
N SER A 169 12.99 -6.69 -5.85
CA SER A 169 13.75 -5.49 -6.02
C SER A 169 13.67 -5.11 -7.49
N ASN A 170 13.75 -3.81 -7.76
CA ASN A 170 13.93 -3.34 -9.09
C ASN A 170 15.13 -4.04 -9.73
N TRP A 171 14.94 -4.41 -11.02
CA TRP A 171 15.94 -5.13 -11.83
C TRP A 171 17.34 -4.46 -11.78
N ARG A 172 17.39 -3.13 -11.74
CA ARG A 172 18.69 -2.47 -11.78
C ARG A 172 19.49 -2.72 -10.49
N LEU A 173 18.81 -2.86 -9.35
CA LEU A 173 19.54 -3.10 -8.07
C LEU A 173 20.27 -4.45 -8.17
N ALA A 174 19.62 -5.41 -8.84
CA ALA A 174 20.14 -6.76 -9.06
C ALA A 174 21.36 -6.73 -9.97
N VAL A 175 21.24 -6.00 -11.08
CA VAL A 175 22.28 -5.82 -12.06
C VAL A 175 23.54 -5.26 -11.38
N GLU A 176 23.40 -4.16 -10.62
CA GLU A 176 24.56 -3.42 -10.20
C GLU A 176 25.30 -4.24 -9.15
N ASN A 177 24.55 -4.82 -8.22
CA ASN A 177 25.06 -5.75 -7.26
C ASN A 177 25.92 -6.83 -7.97
N GLY A 178 25.31 -7.52 -8.94
CA GLY A 178 26.00 -8.49 -9.78
C GLY A 178 27.35 -7.99 -10.30
N PHE A 179 27.36 -6.86 -10.99
CA PHE A 179 28.55 -6.36 -11.72
C PHE A 179 29.45 -5.53 -10.79
N ASP A 180 29.27 -5.68 -9.46
CA ASP A 180 29.91 -4.83 -8.43
C ASP A 180 31.19 -5.51 -7.98
N PRO A 181 32.38 -4.97 -8.31
CA PRO A 181 33.64 -5.70 -8.05
C PRO A 181 33.87 -5.90 -6.54
N SER A 182 33.33 -4.99 -5.72
CA SER A 182 33.63 -4.91 -4.29
C SER A 182 32.54 -5.55 -3.41
N HIS A 183 31.41 -5.97 -3.98
CA HIS A 183 30.32 -6.56 -3.18
C HIS A 183 30.68 -7.98 -2.78
N ILE A 184 31.62 -8.57 -3.52
CA ILE A 184 32.31 -9.85 -3.21
C ILE A 184 32.50 -10.01 -1.68
N TYR A 185 32.65 -8.89 -0.96
CA TYR A 185 32.74 -8.86 0.49
C TYR A 185 31.58 -9.63 1.16
N ILE A 186 30.38 -9.56 0.58
CA ILE A 186 29.22 -10.18 1.22
C ILE A 186 29.32 -11.71 1.15
N HIS A 187 30.27 -12.25 0.36
CA HIS A 187 30.34 -13.69 0.10
C HIS A 187 31.46 -14.37 0.90
N LYS A 188 32.08 -13.65 1.85
CA LYS A 188 33.35 -14.05 2.42
C LYS A 188 33.20 -15.29 3.29
N ASP A 189 32.03 -15.45 3.93
CA ASP A 189 31.74 -16.65 4.72
C ASP A 189 30.79 -17.59 3.97
N SER A 190 30.74 -17.53 2.63
CA SER A 190 29.91 -18.46 1.88
C SER A 190 30.47 -19.88 2.01
N ILE A 191 29.56 -20.84 2.03
CA ILE A 191 29.91 -22.22 2.18
C ILE A 191 30.55 -22.72 0.88
N LEU A 192 30.09 -22.18 -0.27
CA LEU A 192 30.75 -22.39 -1.57
C LEU A 192 32.25 -22.11 -1.43
N VAL A 193 32.57 -20.93 -0.88
CA VAL A 193 33.94 -20.46 -0.82
C VAL A 193 34.81 -21.46 -0.04
N LYS A 194 34.27 -22.03 1.06
CA LYS A 194 35.05 -22.92 1.93
C LYS A 194 35.19 -24.30 1.27
N ASP A 195 34.05 -24.90 0.94
CA ASP A 195 33.94 -26.29 0.51
C ASP A 195 34.43 -26.50 -0.93
N ASN A 196 34.43 -25.44 -1.75
CA ASN A 196 34.94 -25.51 -3.14
C ASN A 196 36.29 -24.81 -3.22
N ASP A 197 36.78 -24.28 -2.09
CA ASP A 197 38.18 -23.93 -1.97
C ASP A 197 38.53 -22.83 -2.99
N LEU A 198 37.74 -21.76 -3.00
CA LEU A 198 37.85 -20.69 -4.00
C LEU A 198 38.86 -19.64 -3.54
N ALA A 199 39.49 -18.95 -4.49
CA ALA A 199 40.45 -17.87 -4.20
C ALA A 199 39.76 -16.51 -4.24
N LEU A 200 38.68 -16.36 -3.45
CA LEU A 200 37.85 -15.16 -3.44
C LEU A 200 38.43 -14.13 -2.47
N PRO A 201 38.94 -12.98 -2.96
CA PRO A 201 39.38 -11.90 -2.06
C PRO A 201 38.21 -11.13 -1.43
N LEU A 202 38.54 -10.15 -0.58
CA LEU A 202 37.58 -9.24 0.02
C LEU A 202 37.14 -8.20 -1.01
N GLY A 203 38.14 -7.67 -1.76
N GLY A 203 38.07 -7.84 -1.90
CA GLY A 203 38.01 -6.48 -2.64
CA GLY A 203 37.72 -7.07 -3.06
C GLY A 203 39.32 -6.18 -3.38
C GLY A 203 38.84 -7.08 -4.08
N PHE A 204 39.48 -4.95 -3.90
N PHE A 204 38.56 -7.65 -5.25
CA PHE A 204 40.60 -4.58 -4.81
CA PHE A 204 39.25 -7.25 -6.45
C PHE A 204 41.02 -3.11 -4.66
C PHE A 204 39.13 -5.72 -6.48
N ALA A 205 42.32 -2.84 -4.84
N ALA A 205 40.23 -5.05 -6.08
CA ALA A 205 42.88 -1.49 -5.01
CA ALA A 205 40.24 -3.60 -5.90
C ALA A 205 43.23 -1.28 -6.48
C ALA A 205 40.98 -2.95 -7.05
N PRO A 206 42.49 -0.40 -7.21
N PRO A 206 40.65 -1.68 -7.40
CA PRO A 206 42.61 -0.30 -8.66
CA PRO A 206 41.26 -1.03 -8.56
C PRO A 206 43.99 0.23 -9.07
C PRO A 206 42.73 -0.64 -8.29
N GLY A 207 44.39 -0.09 -10.30
N GLY A 207 43.54 -0.77 -9.35
CA GLY A 207 45.64 0.40 -10.86
CA GLY A 207 44.87 -0.21 -9.37
C GLY A 207 45.41 1.18 -12.13
C GLY A 207 45.13 0.44 -10.71
N GLY A 208 45.93 2.42 -12.16
N GLY A 208 46.42 0.57 -11.06
CA GLY A 208 46.16 3.17 -13.39
CA GLY A 208 46.82 1.13 -12.33
C GLY A 208 45.04 4.13 -13.74
C GLY A 208 45.67 1.16 -13.32
N ASP A 209 44.90 4.33 -15.07
N ASP A 209 45.72 2.14 -14.23
CA ASP A 209 43.89 5.19 -15.68
CA ASP A 209 44.89 2.28 -15.42
C ASP A 209 42.48 4.77 -15.23
C ASP A 209 43.49 1.69 -15.22
N ARG A 210 41.50 5.65 -15.48
N ARG A 210 42.52 2.59 -15.03
CA ARG A 210 40.10 5.36 -15.24
CA ARG A 210 41.13 2.23 -14.93
C ARG A 210 39.55 4.54 -16.42
C ARG A 210 40.63 1.69 -16.29
N LYS A 211 39.65 5.12 -17.63
N LYS A 211 41.21 2.21 -17.38
CA LYS A 211 39.20 4.48 -18.86
CA LYS A 211 40.68 2.00 -18.73
C LYS A 211 39.69 3.04 -18.92
C LYS A 211 41.30 0.75 -19.36
N GLN A 212 40.55 2.68 -17.96
N GLN A 212 42.19 0.10 -18.62
CA GLN A 212 41.34 1.46 -18.02
CA GLN A 212 42.65 -1.24 -18.97
C GLN A 212 40.78 0.40 -17.08
C GLN A 212 42.24 -2.21 -17.87
N GLN A 213 39.81 0.79 -16.23
N GLN A 213 41.19 -1.84 -17.13
CA GLN A 213 39.23 -0.11 -15.23
CA GLN A 213 40.51 -2.71 -16.19
C GLN A 213 38.21 -1.04 -15.90
C GLN A 213 39.05 -2.89 -16.63
N THR A 214 37.85 -0.72 -17.14
N THR A 214 38.47 -1.82 -17.19
CA THR A 214 36.82 -1.45 -17.83
CA THR A 214 37.12 -1.85 -17.74
C THR A 214 37.21 -1.61 -19.31
C THR A 214 37.14 -1.58 -19.26
N ARG A 215 36.48 -2.49 -20.01
CA ARG A 215 36.49 -2.51 -21.47
C ARG A 215 35.04 -2.53 -21.96
N VAL A 216 34.63 -1.43 -22.61
CA VAL A 216 33.33 -1.30 -23.24
C VAL A 216 33.35 -2.07 -24.57
N VAL A 217 32.33 -2.92 -24.76
CA VAL A 217 32.11 -3.62 -26.00
C VAL A 217 30.84 -3.05 -26.62
N ASP A 218 31.07 -2.12 -27.57
CA ASP A 218 30.04 -1.50 -28.39
C ASP A 218 30.29 -1.84 -29.86
N ASP A 219 31.11 -2.87 -30.07
CA ASP A 219 31.76 -3.17 -31.34
C ASP A 219 31.76 -4.69 -31.57
N ASP A 220 30.71 -5.37 -31.08
CA ASP A 220 30.57 -6.85 -31.24
C ASP A 220 29.77 -7.15 -32.51
N VAL A 221 30.23 -8.15 -33.26
CA VAL A 221 29.78 -8.39 -34.65
C VAL A 221 28.27 -8.69 -34.68
N VAL A 222 27.71 -9.34 -33.64
CA VAL A 222 26.26 -9.73 -33.63
C VAL A 222 25.43 -8.65 -32.93
N GLY A 223 26.08 -7.58 -32.49
CA GLY A 223 25.42 -6.41 -31.97
C GLY A 223 25.34 -6.40 -30.45
N ARG A 224 26.06 -7.32 -29.79
CA ARG A 224 26.11 -7.34 -28.33
C ARG A 224 26.68 -6.02 -27.80
N LYS A 225 26.18 -5.64 -26.62
CA LYS A 225 26.57 -4.44 -25.96
C LYS A 225 26.79 -4.77 -24.48
N GLY A 226 28.02 -4.57 -24.01
CA GLY A 226 28.35 -4.91 -22.63
C GLY A 226 29.61 -4.24 -22.16
N VAL A 227 29.92 -4.45 -20.88
CA VAL A 227 31.12 -3.91 -20.23
C VAL A 227 31.84 -5.05 -19.50
N TYR A 228 33.15 -5.17 -19.71
CA TYR A 228 33.99 -6.09 -18.93
C TYR A 228 34.65 -5.33 -17.78
N ASP A 229 34.68 -5.97 -16.61
N ASP A 229 34.82 -6.04 -16.66
CA ASP A 229 35.35 -5.43 -15.44
CA ASP A 229 35.63 -5.60 -15.53
C ASP A 229 36.83 -5.81 -15.54
C ASP A 229 36.57 -6.75 -15.15
N LEU A 230 37.70 -4.79 -15.60
N LEU A 230 37.81 -6.70 -15.65
CA LEU A 230 39.12 -5.01 -15.73
CA LEU A 230 38.75 -7.81 -15.46
C LEU A 230 39.83 -4.42 -14.51
C LEU A 230 39.30 -7.76 -14.04
N ILE A 231 39.10 -4.33 -13.38
N ILE A 231 38.50 -8.19 -13.06
CA ILE A 231 39.58 -3.62 -12.20
CA ILE A 231 38.69 -7.70 -11.70
C ILE A 231 40.90 -4.24 -11.75
C ILE A 231 40.19 -7.70 -11.42
N GLY A 232 40.99 -5.56 -11.91
N GLY A 232 40.78 -6.51 -11.53
CA GLY A 232 42.14 -6.35 -11.46
CA GLY A 232 42.21 -6.31 -11.44
C GLY A 232 42.88 -7.00 -12.61
C GLY A 232 42.94 -6.98 -12.59
N GLU A 233 43.00 -6.28 -13.73
CA GLU A 233 43.95 -6.62 -14.78
C GLU A 233 45.27 -5.98 -14.36
N HIS A 234 45.18 -4.72 -13.94
CA HIS A 234 46.31 -3.94 -13.44
C HIS A 234 46.14 -3.57 -11.96
N GLY A 235 45.09 -4.09 -11.30
CA GLY A 235 44.69 -3.69 -9.93
C GLY A 235 44.90 -4.79 -8.88
N VAL A 236 45.50 -4.40 -7.75
CA VAL A 236 45.91 -5.32 -6.67
C VAL A 236 44.69 -5.76 -5.86
N PRO A 237 44.43 -7.09 -5.70
CA PRO A 237 43.33 -7.59 -4.88
C PRO A 237 43.67 -7.67 -3.38
N VAL A 238 42.63 -7.60 -2.53
CA VAL A 238 42.75 -7.45 -1.08
C VAL A 238 42.37 -8.78 -0.43
N PHE A 239 43.26 -9.33 0.39
CA PHE A 239 42.96 -10.58 1.12
C PHE A 239 42.93 -10.32 2.63
N GLU A 240 43.67 -9.31 3.11
CA GLU A 240 43.67 -8.93 4.54
C GLU A 240 43.10 -7.51 4.69
N GLY A 241 41.87 -7.46 5.21
CA GLY A 241 41.15 -6.23 5.47
C GLY A 241 41.52 -5.64 6.82
N THR A 242 41.99 -4.38 6.81
CA THR A 242 42.53 -3.75 8.00
C THR A 242 41.63 -2.59 8.46
N ILE A 243 41.65 -2.31 9.77
CA ILE A 243 41.11 -1.06 10.39
C ILE A 243 42.22 -0.44 11.24
N GLY A 244 42.52 0.84 11.05
CA GLY A 244 43.62 1.50 11.73
C GLY A 244 44.89 0.65 11.72
N GLY A 245 45.23 0.07 10.56
CA GLY A 245 46.47 -0.69 10.37
C GLY A 245 46.35 -2.15 10.79
N GLU A 246 45.45 -2.45 11.73
CA GLU A 246 45.29 -3.81 12.25
C GLU A 246 44.44 -4.61 11.26
N VAL A 247 44.88 -5.84 10.98
CA VAL A 247 44.10 -6.78 10.21
C VAL A 247 42.92 -7.23 11.08
N VAL A 248 41.69 -7.11 10.55
CA VAL A 248 40.48 -7.53 11.26
C VAL A 248 39.76 -8.65 10.50
N ARG A 249 40.08 -8.85 9.23
CA ARG A 249 39.37 -9.83 8.40
C ARG A 249 40.27 -10.28 7.25
N GLU A 250 40.15 -11.57 6.92
CA GLU A 250 40.92 -12.20 5.85
C GLU A 250 39.97 -12.80 4.80
N GLY A 251 40.39 -12.72 3.53
CA GLY A 251 39.66 -13.27 2.39
C GLY A 251 39.72 -14.78 2.37
N ALA A 252 39.59 -15.36 1.17
CA ALA A 252 39.39 -16.80 1.01
C ALA A 252 40.68 -17.46 0.48
N TYR A 253 41.11 -18.49 1.22
CA TYR A 253 42.34 -19.23 0.98
C TYR A 253 42.00 -20.63 0.46
N GLY A 254 41.77 -20.69 -0.86
CA GLY A 254 41.62 -21.93 -1.64
C GLY A 254 42.40 -21.85 -2.94
N GLU A 255 42.54 -22.99 -3.63
CA GLU A 255 43.50 -23.11 -4.76
C GLU A 255 42.84 -22.78 -6.11
N LYS A 256 41.50 -22.77 -6.21
CA LYS A 256 40.78 -22.58 -7.48
C LYS A 256 40.57 -21.10 -7.81
N ILE A 257 41.12 -20.67 -8.95
CA ILE A 257 41.01 -19.29 -9.44
C ILE A 257 39.75 -19.17 -10.32
N VAL A 258 38.83 -18.29 -9.89
CA VAL A 258 37.51 -18.05 -10.52
C VAL A 258 37.29 -16.54 -10.68
N ALA A 259 36.37 -16.16 -11.58
CA ALA A 259 35.99 -14.75 -11.85
C ALA A 259 37.17 -13.94 -12.39
N ASN A 260 37.84 -14.47 -13.42
CA ASN A 260 38.92 -13.81 -14.13
C ASN A 260 38.36 -12.73 -15.07
N ASP A 261 37.20 -13.02 -15.68
CA ASP A 261 36.47 -12.02 -16.47
C ASP A 261 34.99 -11.99 -16.04
N ILE A 262 34.56 -10.77 -15.67
CA ILE A 262 33.21 -10.40 -15.35
C ILE A 262 32.73 -9.37 -16.39
N SER A 263 31.52 -9.58 -16.93
CA SER A 263 30.94 -8.67 -17.89
C SER A 263 29.43 -8.61 -17.70
N ILE A 264 28.87 -7.43 -17.99
CA ILE A 264 27.46 -7.22 -17.95
C ILE A 264 27.04 -6.81 -19.37
N TRP A 265 25.91 -7.35 -19.82
CA TRP A 265 25.42 -7.18 -21.20
C TRP A 265 23.97 -6.70 -21.18
N LEU A 266 23.64 -5.77 -22.09
CA LEU A 266 22.22 -5.45 -22.35
C LEU A 266 21.53 -6.74 -22.80
N PRO A 267 20.27 -6.95 -22.36
CA PRO A 267 19.42 -6.04 -21.58
C PRO A 267 19.62 -6.04 -20.05
N GLY A 268 20.44 -6.97 -19.55
CA GLY A 268 20.82 -7.04 -18.14
C GLY A 268 21.15 -8.46 -17.76
N VAL A 269 22.29 -8.95 -18.27
CA VAL A 269 22.75 -10.28 -17.98
C VAL A 269 24.25 -10.21 -17.70
N LEU A 270 24.65 -10.92 -16.64
CA LEU A 270 26.00 -10.95 -16.12
C LEU A 270 26.62 -12.28 -16.51
N LYS A 271 27.86 -12.21 -17.02
CA LYS A 271 28.72 -13.37 -17.24
C LYS A 271 29.89 -13.33 -16.24
N VAL A 272 30.06 -14.43 -15.50
CA VAL A 272 31.18 -14.61 -14.61
C VAL A 272 31.94 -15.86 -15.04
N ASN A 273 33.19 -15.66 -15.47
CA ASN A 273 33.98 -16.74 -16.05
C ASN A 273 35.37 -16.78 -15.40
N PRO A 274 35.78 -17.97 -14.91
CA PRO A 274 34.92 -19.14 -14.71
C PRO A 274 34.27 -19.03 -13.33
N PHE A 275 33.15 -19.73 -13.13
CA PHE A 275 32.40 -19.71 -11.87
C PHE A 275 31.26 -20.72 -11.96
N PRO A 276 30.96 -21.43 -10.86
CA PRO A 276 31.62 -21.42 -9.57
C PRO A 276 32.82 -22.37 -9.44
N ASN A 277 33.06 -23.16 -10.50
CA ASN A 277 34.22 -24.03 -10.62
C ASN A 277 35.03 -23.61 -11.85
N PRO A 278 36.37 -23.85 -11.91
CA PRO A 278 37.19 -23.35 -13.03
C PRO A 278 36.82 -23.86 -14.43
N ASP A 279 35.90 -24.82 -14.51
CA ASP A 279 35.48 -25.42 -15.77
C ASP A 279 34.06 -25.01 -16.15
N MET A 280 33.50 -23.98 -15.47
CA MET A 280 32.10 -23.54 -15.63
C MET A 280 32.09 -22.01 -15.76
N MET A 281 30.97 -21.48 -16.25
CA MET A 281 30.66 -20.04 -16.32
C MET A 281 29.29 -19.82 -15.69
N GLN A 282 29.07 -18.64 -15.12
CA GLN A 282 27.74 -18.28 -14.66
C GLN A 282 27.18 -17.19 -15.56
N PHE A 283 25.97 -17.44 -16.07
CA PHE A 283 25.21 -16.48 -16.84
C PHE A 283 23.89 -16.24 -16.12
N GLU A 284 23.66 -15.01 -15.63
CA GLU A 284 22.47 -14.76 -14.84
C GLU A 284 21.81 -13.44 -15.30
N TRP A 285 20.48 -13.50 -15.45
CA TRP A 285 19.66 -12.39 -15.89
C TRP A 285 18.90 -11.80 -14.69
N TYR A 286 18.61 -10.51 -14.81
CA TYR A 286 17.77 -9.81 -13.89
C TYR A 286 16.65 -9.18 -14.72
N VAL A 287 15.54 -9.90 -14.81
CA VAL A 287 14.49 -9.63 -15.79
C VAL A 287 13.40 -8.81 -15.13
N PRO A 288 13.11 -7.59 -15.66
CA PRO A 288 12.10 -6.72 -15.05
C PRO A 288 10.71 -7.34 -15.12
N ILE A 289 10.05 -7.48 -13.95
CA ILE A 289 8.67 -7.96 -13.90
C ILE A 289 7.78 -6.72 -13.84
N ASP A 290 8.11 -5.86 -12.87
CA ASP A 290 7.54 -4.56 -12.67
C ASP A 290 8.60 -3.70 -12.00
N GLU A 291 8.20 -2.50 -11.55
CA GLU A 291 9.08 -1.51 -10.92
C GLU A 291 9.78 -2.10 -9.69
N ASN A 292 9.12 -3.04 -9.01
CA ASN A 292 9.49 -3.51 -7.69
C ASN A 292 10.09 -4.92 -7.71
N THR A 293 10.06 -5.59 -8.87
CA THR A 293 10.29 -7.06 -8.92
C THR A 293 11.09 -7.48 -10.15
N HIS A 294 11.82 -8.59 -10.04
CA HIS A 294 12.53 -9.15 -11.16
C HIS A 294 12.54 -10.67 -11.08
N TYR A 295 12.64 -11.32 -12.26
CA TYR A 295 13.11 -12.70 -12.28
C TYR A 295 14.63 -12.67 -12.13
N TYR A 296 15.13 -13.46 -11.19
CA TYR A 296 16.53 -13.75 -11.09
C TYR A 296 16.72 -15.09 -11.80
N PHE A 297 17.09 -15.03 -13.08
CA PHE A 297 17.18 -16.20 -13.95
C PHE A 297 18.64 -16.64 -14.04
N GLN A 298 19.04 -17.55 -13.15
CA GLN A 298 20.43 -17.98 -13.06
C GLN A 298 20.67 -19.19 -13.97
N THR A 299 21.84 -19.24 -14.62
CA THR A 299 22.24 -20.42 -15.33
C THR A 299 23.73 -20.65 -15.09
N LEU A 300 24.11 -21.93 -15.16
CA LEU A 300 25.49 -22.37 -15.19
C LEU A 300 25.74 -23.07 -16.52
N GLY A 301 26.83 -22.68 -17.16
CA GLY A 301 27.23 -23.24 -18.43
C GLY A 301 28.49 -24.07 -18.28
N LYS A 302 28.47 -25.28 -18.84
CA LYS A 302 29.67 -26.11 -18.94
C LYS A 302 29.79 -26.70 -20.34
N PRO A 303 30.92 -26.50 -21.06
CA PRO A 303 31.20 -27.25 -22.28
C PRO A 303 31.11 -28.77 -22.05
N CYS A 304 30.34 -29.45 -22.90
CA CYS A 304 30.15 -30.89 -22.84
C CYS A 304 30.20 -31.44 -24.28
N ALA A 305 30.91 -32.55 -24.47
CA ALA A 305 31.23 -33.13 -25.78
C ALA A 305 30.03 -33.88 -26.35
N ASN A 306 29.30 -34.57 -25.45
CA ASN A 306 28.28 -35.56 -25.80
C ASN A 306 27.32 -35.70 -24.61
N ASP A 307 26.26 -36.48 -24.78
CA ASP A 307 25.21 -36.51 -23.77
C ASP A 307 25.68 -37.29 -22.53
N GLU A 308 26.80 -38.03 -22.63
CA GLU A 308 27.38 -38.73 -21.46
C GLU A 308 27.93 -37.67 -20.50
N GLU A 309 28.86 -36.85 -20.99
CA GLU A 309 29.44 -35.68 -20.27
C GLU A 309 28.31 -34.73 -19.84
N ARG A 310 27.20 -34.72 -20.57
CA ARG A 310 26.03 -33.87 -20.24
C ARG A 310 25.29 -34.43 -19.03
N LYS A 311 25.12 -35.76 -18.95
CA LYS A 311 24.51 -36.41 -17.77
C LYS A 311 25.37 -36.14 -16.52
N LYS A 312 26.70 -36.25 -16.65
CA LYS A 312 27.59 -36.09 -15.52
C LYS A 312 27.45 -34.66 -14.98
N TYR A 313 27.60 -33.68 -15.87
CA TYR A 313 27.35 -32.29 -15.55
C TYR A 313 26.01 -32.13 -14.81
N GLU A 314 24.94 -32.77 -15.33
CA GLU A 314 23.58 -32.66 -14.75
C GLU A 314 23.58 -33.13 -13.28
N GLN A 315 24.24 -34.27 -13.03
CA GLN A 315 24.33 -34.89 -11.70
C GLN A 315 25.06 -33.97 -10.72
N GLU A 316 26.23 -33.50 -11.16
CA GLU A 316 27.07 -32.56 -10.46
C GLU A 316 26.29 -31.27 -10.13
N PHE A 317 25.40 -30.84 -11.03
CA PHE A 317 24.61 -29.61 -10.88
C PHE A 317 23.56 -29.78 -9.78
N GLU A 318 22.77 -30.86 -9.86
CA GLU A 318 21.66 -31.13 -8.94
CA GLU A 318 21.66 -31.12 -8.94
C GLU A 318 22.20 -31.43 -7.54
N SER A 319 23.28 -32.20 -7.49
CA SER A 319 23.86 -32.66 -6.24
C SER A 319 24.72 -31.57 -5.58
N LYS A 320 25.53 -30.87 -6.36
CA LYS A 320 26.52 -29.95 -5.79
C LYS A 320 26.23 -28.49 -6.18
N TRP A 321 26.31 -28.13 -7.48
CA TRP A 321 26.49 -26.69 -7.87
C TRP A 321 25.24 -25.85 -7.58
N LYS A 322 24.04 -26.39 -7.82
CA LYS A 322 22.81 -25.69 -7.52
C LYS A 322 22.71 -25.37 -6.02
N PRO A 323 22.68 -26.36 -5.10
CA PRO A 323 22.47 -26.08 -3.68
C PRO A 323 23.56 -25.18 -3.07
N MET A 324 24.81 -25.36 -3.52
CA MET A 324 25.97 -24.72 -2.91
C MET A 324 26.28 -23.35 -3.52
N ALA A 325 26.09 -23.20 -4.83
CA ALA A 325 26.42 -21.97 -5.56
C ALA A 325 25.16 -21.11 -5.76
N LEU A 326 24.20 -21.62 -6.53
CA LEU A 326 23.03 -20.85 -6.97
C LEU A 326 22.15 -20.49 -5.76
N GLU A 327 22.12 -21.36 -4.74
CA GLU A 327 21.39 -21.08 -3.50
C GLU A 327 22.38 -20.53 -2.46
N GLY A 328 23.18 -21.42 -1.85
CA GLY A 328 24.18 -21.05 -0.84
C GLY A 328 24.86 -19.71 -1.14
N PHE A 329 25.65 -19.67 -2.21
CA PHE A 329 26.45 -18.47 -2.58
C PHE A 329 25.57 -17.24 -2.90
N ASN A 330 24.58 -17.38 -3.80
CA ASN A 330 23.85 -16.19 -4.32
C ASN A 330 22.68 -15.79 -3.41
N ASN A 331 22.37 -16.58 -2.39
CA ASN A 331 21.31 -16.23 -1.45
C ASN A 331 21.65 -14.87 -0.82
N ASP A 332 22.95 -14.63 -0.58
CA ASP A 332 23.42 -13.36 -0.06
C ASP A 332 23.16 -12.21 -1.03
N ASP A 333 23.34 -12.48 -2.34
CA ASP A 333 23.06 -11.48 -3.37
C ASP A 333 21.59 -11.05 -3.25
N ILE A 334 20.69 -11.98 -2.92
CA ILE A 334 19.25 -11.70 -2.80
C ILE A 334 19.01 -10.64 -1.72
N TRP A 335 19.38 -10.92 -0.46
CA TRP A 335 18.98 -9.97 0.60
C TRP A 335 19.80 -8.67 0.49
N ALA A 336 20.95 -8.68 -0.20
CA ALA A 336 21.68 -7.43 -0.53
C ALA A 336 20.89 -6.51 -1.47
N ARG A 337 20.33 -7.07 -2.55
CA ARG A 337 19.41 -6.33 -3.45
C ARG A 337 18.26 -5.70 -2.67
N GLU A 338 17.62 -6.49 -1.81
CA GLU A 338 16.50 -6.05 -1.06
C GLU A 338 16.92 -4.89 -0.15
N ALA A 339 18.19 -4.88 0.28
CA ALA A 339 18.66 -3.86 1.22
C ALA A 339 18.77 -2.48 0.55
N MET A 340 18.88 -2.42 -0.79
CA MET A 340 19.00 -1.16 -1.56
C MET A 340 17.61 -0.60 -1.94
N VAL A 341 16.53 -1.36 -1.72
CA VAL A 341 15.23 -0.97 -2.24
C VAL A 341 14.80 0.41 -1.68
N ASP A 342 14.85 0.55 -0.35
CA ASP A 342 14.39 1.75 0.34
C ASP A 342 15.08 2.97 -0.28
N PHE A 343 16.40 2.92 -0.41
CA PHE A 343 17.17 4.10 -0.79
C PHE A 343 16.84 4.53 -2.22
N TYR A 344 16.49 3.56 -3.08
CA TYR A 344 16.28 3.85 -4.50
C TYR A 344 14.79 3.97 -4.84
N ALA A 345 13.90 3.69 -3.87
CA ALA A 345 12.44 3.53 -4.08
C ALA A 345 11.81 4.83 -4.59
N ASP A 346 12.30 5.95 -4.08
CA ASP A 346 11.73 7.26 -4.42
C ASP A 346 12.49 7.88 -5.59
N ASP A 347 13.28 7.06 -6.31
CA ASP A 347 14.20 7.50 -7.38
C ASP A 347 15.30 8.46 -6.88
N LYS A 348 15.38 8.68 -5.56
CA LYS A 348 16.30 9.70 -5.01
C LYS A 348 17.69 9.09 -4.79
N GLY A 349 17.77 7.76 -4.69
CA GLY A 349 19.03 7.06 -4.46
C GLY A 349 20.08 7.38 -5.53
N TRP A 350 19.59 7.60 -6.77
CA TRP A 350 20.41 7.89 -7.96
C TRP A 350 21.11 9.25 -7.84
N VAL A 351 20.51 10.21 -7.12
CA VAL A 351 21.16 11.49 -6.92
C VAL A 351 22.00 11.49 -5.62
N ASN A 352 21.61 10.71 -4.60
CA ASN A 352 22.19 10.84 -3.23
C ASN A 352 23.29 9.80 -2.96
N GLU A 353 23.46 8.81 -3.83
CA GLU A 353 24.54 7.82 -3.66
C GLU A 353 25.91 8.51 -3.68
N ILE A 354 26.86 7.96 -2.92
CA ILE A 354 28.27 8.41 -2.98
C ILE A 354 29.14 7.22 -3.41
N LEU A 355 29.64 7.29 -4.65
CA LEU A 355 30.34 6.18 -5.26
C LEU A 355 31.82 6.31 -4.93
N PHE A 356 32.54 5.20 -5.06
CA PHE A 356 33.97 5.15 -4.97
C PHE A 356 34.50 4.38 -6.19
N GLU A 357 35.81 4.08 -6.18
CA GLU A 357 36.57 3.75 -7.40
C GLU A 357 36.10 2.42 -8.00
N SER A 358 35.85 1.40 -7.14
CA SER A 358 35.37 0.08 -7.58
C SER A 358 34.10 0.17 -8.44
N ASP A 359 33.33 1.26 -8.30
CA ASP A 359 32.06 1.47 -9.02
C ASP A 359 32.27 2.12 -10.39
N GLU A 360 33.53 2.24 -10.82
CA GLU A 360 33.83 2.69 -12.19
C GLU A 360 33.13 1.77 -13.20
N ALA A 361 33.22 0.46 -12.96
CA ALA A 361 32.55 -0.58 -13.73
C ALA A 361 31.04 -0.32 -13.81
N ILE A 362 30.39 -0.01 -12.67
CA ILE A 362 28.94 0.17 -12.64
C ILE A 362 28.53 1.40 -13.45
N VAL A 363 29.26 2.50 -13.31
CA VAL A 363 28.98 3.75 -14.05
C VAL A 363 29.13 3.54 -15.57
N ALA A 364 30.13 2.75 -15.98
CA ALA A 364 30.35 2.46 -17.42
C ALA A 364 29.12 1.71 -17.97
N TRP A 365 28.62 0.76 -17.17
CA TRP A 365 27.42 0.01 -17.49
C TRP A 365 26.23 0.96 -17.63
N ARG A 366 26.05 1.90 -16.70
CA ARG A 366 24.92 2.78 -16.73
C ARG A 366 24.92 3.60 -18.02
N LYS A 367 26.11 4.01 -18.46
CA LYS A 367 26.27 4.77 -19.69
C LYS A 367 26.05 3.87 -20.92
N LEU A 368 26.69 2.69 -20.93
CA LEU A 368 26.49 1.69 -21.98
C LEU A 368 24.98 1.47 -22.18
N ALA A 369 24.27 1.17 -21.08
CA ALA A 369 22.85 0.89 -21.09
C ALA A 369 22.08 2.10 -21.60
N SER A 370 22.53 3.29 -21.17
CA SER A 370 21.88 4.56 -21.53
C SER A 370 21.97 4.81 -23.05
N GLU A 371 23.12 4.49 -23.65
CA GLU A 371 23.34 4.79 -25.06
C GLU A 371 22.70 3.71 -25.95
N HIS A 372 22.82 2.44 -25.57
CA HIS A 372 22.66 1.37 -26.53
C HIS A 372 21.39 0.57 -26.32
N ASN A 373 20.48 1.01 -25.44
CA ASN A 373 19.23 0.28 -25.24
C ASN A 373 18.34 0.53 -26.44
N GLN A 374 17.38 -0.38 -26.66
CA GLN A 374 16.52 -0.39 -27.84
C GLN A 374 15.15 0.20 -27.51
N GLY A 375 15.05 0.85 -26.33
CA GLY A 375 13.89 1.62 -25.97
C GLY A 375 13.54 1.50 -24.50
N ILE A 376 12.88 2.54 -23.98
CA ILE A 376 12.47 2.64 -22.58
C ILE A 376 11.03 2.15 -22.47
N GLN A 377 10.79 1.13 -21.63
CA GLN A 377 9.45 0.69 -21.32
C GLN A 377 8.80 1.72 -20.39
N THR A 378 7.62 2.20 -20.78
CA THR A 378 6.86 3.17 -20.03
C THR A 378 5.49 2.57 -19.70
N GLN A 379 4.73 3.28 -18.86
CA GLN A 379 3.36 2.91 -18.50
C GLN A 379 2.46 3.02 -19.72
N ALA A 380 2.86 3.82 -20.71
CA ALA A 380 2.13 3.94 -21.96
C ALA A 380 2.08 2.58 -22.67
N HIS A 381 3.21 1.87 -22.67
CA HIS A 381 3.28 0.52 -23.25
C HIS A 381 2.44 -0.45 -22.41
N VAL A 382 2.44 -0.28 -21.09
CA VAL A 382 1.73 -1.19 -20.21
C VAL A 382 0.23 -0.98 -20.39
N SER A 383 -0.20 0.29 -20.37
CA SER A 383 -1.61 0.69 -20.42
C SER A 383 -1.94 1.34 -21.78
N GLY A 384 -2.00 2.69 -21.83
CA GLY A 384 -2.50 3.45 -22.99
C GLY A 384 -2.83 4.88 -22.63
N ALA B 2 -13.81 16.15 -11.77
CA ALA B 2 -13.37 16.18 -10.34
C ALA B 2 -12.64 14.88 -9.99
N ASN B 3 -13.36 13.75 -10.09
CA ASN B 3 -12.86 12.44 -9.65
C ASN B 3 -11.88 11.84 -10.69
N VAL B 4 -12.00 12.26 -11.95
CA VAL B 4 -11.30 11.63 -13.07
C VAL B 4 -10.60 12.73 -13.87
N ASP B 5 -9.46 12.40 -14.48
CA ASP B 5 -8.70 13.39 -15.27
C ASP B 5 -9.48 13.75 -16.54
N GLU B 6 -9.36 15.03 -16.93
CA GLU B 6 -10.05 15.61 -18.10
C GLU B 6 -9.54 14.94 -19.38
N ALA B 7 -8.25 14.60 -19.41
CA ALA B 7 -7.66 13.80 -20.48
C ALA B 7 -8.55 12.58 -20.80
N ILE B 8 -9.15 11.98 -19.76
CA ILE B 8 -10.04 10.83 -19.95
C ILE B 8 -11.47 11.31 -20.27
N LEU B 9 -12.01 12.21 -19.43
CA LEU B 9 -13.43 12.59 -19.57
C LEU B 9 -13.70 13.14 -20.98
N LYS B 10 -12.75 13.89 -21.54
CA LYS B 10 -12.95 14.54 -22.85
C LYS B 10 -13.04 13.47 -23.96
N ARG B 11 -12.54 12.26 -23.69
CA ARG B 11 -12.51 11.15 -24.67
C ARG B 11 -13.70 10.20 -24.48
N VAL B 12 -14.62 10.49 -23.53
CA VAL B 12 -15.82 9.69 -23.36
C VAL B 12 -17.09 10.55 -23.46
N LYS B 13 -17.11 11.51 -24.38
CA LYS B 13 -18.29 12.38 -24.50
C LYS B 13 -19.49 11.51 -24.85
N GLY B 14 -20.64 11.80 -24.23
CA GLY B 14 -21.78 10.94 -24.25
C GLY B 14 -22.01 10.30 -22.89
N TRP B 15 -20.92 10.02 -22.15
CA TRP B 15 -21.08 9.46 -20.85
C TRP B 15 -19.95 9.80 -19.86
N ALA B 16 -19.45 11.04 -19.93
CA ALA B 16 -18.38 11.50 -19.03
C ALA B 16 -18.86 11.59 -17.57
N PRO B 17 -20.09 12.06 -17.25
CA PRO B 17 -20.58 12.05 -15.86
C PRO B 17 -20.56 10.67 -15.18
N TYR B 18 -20.98 9.64 -15.92
CA TYR B 18 -20.89 8.27 -15.48
C TYR B 18 -19.44 7.83 -15.19
N VAL B 19 -18.50 8.17 -16.07
CA VAL B 19 -17.10 7.85 -15.89
C VAL B 19 -16.54 8.61 -14.69
N ASP B 20 -17.07 9.82 -14.44
CA ASP B 20 -16.70 10.63 -13.32
C ASP B 20 -17.29 10.08 -12.02
N ALA B 21 -18.39 9.33 -12.08
CA ALA B 21 -19.16 8.91 -10.90
C ALA B 21 -18.57 7.64 -10.25
N LYS B 22 -17.28 7.71 -9.91
CA LYS B 22 -16.48 6.69 -9.23
C LYS B 22 -17.13 6.28 -7.91
N LEU B 23 -17.67 7.25 -7.19
CA LEU B 23 -18.32 7.03 -5.86
C LEU B 23 -19.83 6.86 -5.97
N GLY B 24 -20.36 6.89 -7.20
CA GLY B 24 -21.77 6.75 -7.41
C GLY B 24 -22.43 8.12 -7.51
N PHE B 25 -23.76 8.07 -7.57
CA PHE B 25 -24.63 9.19 -7.80
C PHE B 25 -25.31 9.60 -6.49
N ARG B 26 -25.11 10.86 -6.13
CA ARG B 26 -25.74 11.48 -4.96
C ARG B 26 -27.22 11.76 -5.28
N ASN B 27 -28.07 11.77 -4.26
CA ASN B 27 -29.49 12.17 -4.35
C ASN B 27 -30.31 11.04 -4.98
N HIS B 28 -29.98 9.81 -4.56
CA HIS B 28 -30.80 8.65 -4.77
C HIS B 28 -30.90 7.88 -3.45
N TRP B 29 -31.93 7.01 -3.37
CA TRP B 29 -32.09 5.97 -2.37
C TRP B 29 -31.22 4.76 -2.70
N TYR B 30 -30.54 4.18 -1.69
CA TYR B 30 -29.78 2.91 -1.83
C TYR B 30 -30.10 1.95 -0.69
N PRO B 31 -30.29 0.64 -0.98
CA PRO B 31 -30.39 -0.38 0.06
C PRO B 31 -28.99 -0.71 0.61
N VAL B 32 -28.89 -0.90 1.93
CA VAL B 32 -27.59 -1.14 2.58
C VAL B 32 -27.64 -2.36 3.51
N MET B 33 -28.81 -2.69 4.03
CA MET B 33 -28.96 -3.82 4.94
C MET B 33 -30.44 -4.20 4.99
N PHE B 34 -30.73 -5.32 5.64
CA PHE B 34 -32.10 -5.80 5.84
C PHE B 34 -32.64 -5.30 7.18
N SER B 35 -33.95 -5.07 7.23
CA SER B 35 -34.68 -4.58 8.43
C SER B 35 -34.29 -5.38 9.68
N LYS B 36 -34.25 -6.71 9.57
CA LYS B 36 -33.97 -7.61 10.70
C LYS B 36 -32.60 -7.32 11.32
N GLU B 37 -31.73 -6.59 10.62
CA GLU B 37 -30.30 -6.48 10.99
C GLU B 37 -30.07 -5.25 11.88
N ILE B 38 -31.06 -4.36 11.95
CA ILE B 38 -30.95 -3.13 12.70
C ILE B 38 -32.07 -3.10 13.74
N ASN B 39 -31.67 -3.26 15.01
CA ASN B 39 -32.56 -3.49 16.16
C ASN B 39 -32.76 -2.20 16.94
N GLU B 40 -33.89 -2.13 17.66
CA GLU B 40 -34.18 -1.04 18.61
C GLU B 40 -32.93 -0.75 19.45
N GLY B 41 -32.50 0.51 19.43
CA GLY B 41 -31.48 1.03 20.35
C GLY B 41 -30.10 0.47 20.10
N GLU B 42 -29.87 -0.09 18.90
CA GLU B 42 -28.63 -0.80 18.60
C GLU B 42 -28.05 -0.26 17.29
N PRO B 43 -27.36 0.90 17.30
CA PRO B 43 -26.90 1.53 16.06
C PRO B 43 -25.91 0.63 15.30
N LYS B 44 -25.80 0.84 13.99
CA LYS B 44 -24.80 0.17 13.22
C LYS B 44 -24.13 1.19 12.31
N THR B 45 -22.85 0.95 12.04
CA THR B 45 -22.10 1.77 11.13
C THR B 45 -22.01 1.07 9.77
N LEU B 46 -21.97 1.87 8.71
CA LEU B 46 -21.81 1.41 7.34
C LEU B 46 -21.20 2.57 6.55
N LYS B 47 -20.53 2.25 5.44
CA LYS B 47 -20.04 3.26 4.55
C LYS B 47 -20.86 3.22 3.26
N LEU B 48 -21.43 4.36 2.88
CA LEU B 48 -22.28 4.53 1.69
C LEU B 48 -21.76 5.70 0.87
N LEU B 49 -21.47 5.48 -0.42
CA LEU B 49 -20.96 6.53 -1.32
C LEU B 49 -19.71 7.21 -0.73
N GLY B 50 -18.94 6.47 0.08
CA GLY B 50 -17.68 6.93 0.62
C GLY B 50 -17.81 7.52 2.00
N GLU B 51 -19.06 7.72 2.48
CA GLU B 51 -19.35 8.38 3.74
C GLU B 51 -19.71 7.32 4.79
N ASN B 52 -19.08 7.40 5.96
CA ASN B 52 -19.44 6.60 7.10
C ASN B 52 -20.71 7.16 7.72
N LEU B 53 -21.67 6.27 7.95
CA LEU B 53 -22.97 6.58 8.48
C LEU B 53 -23.29 5.68 9.67
N LEU B 54 -24.13 6.21 10.56
CA LEU B 54 -24.68 5.50 11.70
C LEU B 54 -26.19 5.45 11.52
N VAL B 55 -26.76 4.26 11.61
CA VAL B 55 -28.17 4.08 11.56
C VAL B 55 -28.62 3.60 12.95
N ASN B 56 -29.73 4.14 13.46
CA ASN B 56 -30.34 3.65 14.71
C ASN B 56 -31.84 3.43 14.49
N ARG B 57 -32.42 2.53 15.31
CA ARG B 57 -33.87 2.35 15.39
C ARG B 57 -34.38 2.85 16.74
N ILE B 58 -35.22 3.89 16.70
CA ILE B 58 -35.76 4.58 17.87
C ILE B 58 -37.28 4.61 17.74
N ASP B 59 -37.95 3.90 18.66
CA ASP B 59 -39.41 3.75 18.67
C ASP B 59 -39.87 3.16 17.33
N GLY B 60 -39.06 2.22 16.80
CA GLY B 60 -39.34 1.47 15.56
C GLY B 60 -38.90 2.20 14.29
N LYS B 61 -38.70 3.52 14.36
CA LYS B 61 -38.33 4.34 13.22
C LYS B 61 -36.80 4.38 13.11
N LEU B 62 -36.27 4.31 11.89
CA LEU B 62 -34.85 4.34 11.65
C LEU B 62 -34.43 5.81 11.48
N TYR B 63 -33.19 6.09 11.88
CA TYR B 63 -32.55 7.39 11.71
C TYR B 63 -31.10 7.19 11.27
N CYS B 64 -30.56 8.16 10.55
CA CYS B 64 -29.22 8.08 10.05
C CYS B 64 -28.50 9.40 10.29
N LEU B 65 -27.35 9.31 10.95
CA LEU B 65 -26.42 10.42 11.18
C LEU B 65 -25.10 10.11 10.50
N LYS B 66 -24.40 11.14 10.02
CA LYS B 66 -23.04 10.95 9.55
C LYS B 66 -22.20 10.47 10.74
N ASP B 67 -21.42 9.41 10.54
CA ASP B 67 -20.56 8.83 11.59
C ASP B 67 -19.22 9.58 11.55
N ARG B 68 -19.27 10.85 11.96
CA ARG B 68 -18.08 11.72 12.08
C ARG B 68 -18.45 12.93 12.95
N CYS B 69 -17.85 13.02 14.15
CA CYS B 69 -18.12 14.15 15.05
C CYS B 69 -17.66 15.46 14.37
N LEU B 70 -18.43 16.53 14.54
CA LEU B 70 -18.08 17.87 14.08
C LEU B 70 -16.79 18.37 14.75
N HIS B 71 -16.48 17.87 15.94
CA HIS B 71 -15.42 18.43 16.76
C HIS B 71 -14.01 18.04 16.25
N ARG B 72 -13.57 16.80 16.50
CA ARG B 72 -12.26 16.35 16.03
C ARG B 72 -12.39 15.24 14.99
N GLY B 73 -13.60 15.02 14.45
CA GLY B 73 -13.83 14.20 13.26
C GLY B 73 -13.57 12.71 13.47
N VAL B 74 -13.80 12.23 14.70
CA VAL B 74 -13.79 10.82 15.02
C VAL B 74 -15.12 10.19 14.57
N GLN B 75 -15.09 8.88 14.28
CA GLN B 75 -16.35 8.11 14.17
C GLN B 75 -16.93 7.94 15.59
N LEU B 76 -18.23 8.24 15.73
CA LEU B 76 -18.93 8.03 17.02
C LEU B 76 -18.98 6.53 17.33
N SER B 77 -19.05 5.71 16.26
CA SER B 77 -19.25 4.28 16.36
C SER B 77 -18.06 3.56 17.00
N VAL B 78 -16.90 4.23 17.10
CA VAL B 78 -15.76 3.67 17.80
C VAL B 78 -16.23 3.24 19.20
N LYS B 79 -17.04 4.10 19.82
CA LYS B 79 -17.67 3.84 21.10
C LYS B 79 -18.99 4.61 21.18
N VAL B 80 -20.08 3.87 20.93
CA VAL B 80 -21.42 4.37 20.85
C VAL B 80 -21.93 4.71 22.26
N GLU B 81 -22.37 5.95 22.46
CA GLU B 81 -23.00 6.37 23.71
C GLU B 81 -24.34 7.03 23.38
N CYS B 82 -25.40 6.24 23.42
CA CYS B 82 -26.75 6.76 23.29
C CYS B 82 -27.34 6.95 24.69
N LYS B 83 -27.40 8.19 25.19
CA LYS B 83 -27.66 8.41 26.65
C LYS B 83 -29.14 8.74 26.91
N THR B 84 -29.86 9.14 25.87
CA THR B 84 -31.32 9.20 25.83
C THR B 84 -31.76 8.64 24.49
N LYS B 85 -33.05 8.31 24.39
CA LYS B 85 -33.61 7.72 23.19
C LYS B 85 -33.47 8.68 21.99
N SER B 86 -33.41 9.99 22.22
CA SER B 86 -33.42 10.98 21.15
C SER B 86 -32.01 11.37 20.70
N THR B 87 -30.97 10.98 21.45
CA THR B 87 -29.66 11.57 21.19
C THR B 87 -28.57 10.49 21.10
N ILE B 88 -27.41 10.93 20.57
CA ILE B 88 -26.15 10.19 20.67
C ILE B 88 -25.11 11.20 21.15
N THR B 89 -24.22 10.71 22.01
CA THR B 89 -23.19 11.50 22.62
C THR B 89 -21.82 10.97 22.15
N CYS B 90 -21.02 11.84 21.52
CA CYS B 90 -19.69 11.48 21.17
C CYS B 90 -18.92 11.04 22.44
N TRP B 91 -18.26 9.89 22.32
CA TRP B 91 -17.46 9.29 23.36
C TRP B 91 -16.24 10.15 23.72
N TYR B 92 -15.86 11.12 22.88
CA TYR B 92 -14.57 11.80 23.07
C TYR B 92 -14.74 12.98 24.04
N HIS B 93 -15.49 14.00 23.64
CA HIS B 93 -15.73 15.19 24.49
C HIS B 93 -17.23 15.45 24.66
N ALA B 94 -18.06 14.44 24.35
CA ALA B 94 -19.47 14.36 24.77
C ALA B 94 -20.35 15.40 24.07
N TRP B 95 -19.98 15.83 22.86
CA TRP B 95 -20.92 16.60 22.02
C TRP B 95 -22.11 15.69 21.73
N THR B 96 -23.31 16.22 21.94
CA THR B 96 -24.51 15.42 21.93
C THR B 96 -25.44 15.93 20.79
N TYR B 97 -25.84 14.99 19.92
CA TYR B 97 -26.62 15.30 18.74
C TYR B 97 -27.98 14.57 18.78
N ARG B 98 -29.03 15.29 18.34
CA ARG B 98 -30.35 14.70 18.15
C ARG B 98 -30.30 13.86 16.86
N TRP B 99 -30.89 12.66 16.91
CA TRP B 99 -30.99 11.83 15.74
C TRP B 99 -31.89 12.48 14.68
N GLU B 100 -32.92 13.23 15.11
CA GLU B 100 -34.01 13.63 14.21
C GLU B 100 -33.52 14.69 13.22
N ASP B 101 -32.63 15.58 13.68
CA ASP B 101 -32.23 16.71 12.87
C ASP B 101 -30.74 17.01 13.00
N GLY B 102 -30.00 16.19 13.76
CA GLY B 102 -28.55 16.27 13.81
C GLY B 102 -28.03 17.44 14.64
N VAL B 103 -28.92 18.23 15.25
CA VAL B 103 -28.53 19.47 15.94
C VAL B 103 -27.71 19.11 17.20
N LEU B 104 -26.60 19.84 17.37
CA LEU B 104 -25.81 19.78 18.56
C LEU B 104 -26.59 20.44 19.71
N CYS B 105 -27.28 19.63 20.53
CA CYS B 105 -28.21 20.11 21.54
C CYS B 105 -27.59 20.18 22.95
N ASP B 106 -26.41 19.59 23.14
CA ASP B 106 -25.74 19.50 24.43
C ASP B 106 -24.25 19.15 24.24
N ILE B 107 -23.45 19.53 25.24
CA ILE B 107 -22.09 19.03 25.40
C ILE B 107 -21.87 18.80 26.89
N LEU B 108 -21.67 17.52 27.28
CA LEU B 108 -21.60 17.16 28.69
C LEU B 108 -20.30 17.72 29.31
N THR B 109 -19.26 17.93 28.49
CA THR B 109 -17.99 18.44 28.98
C THR B 109 -18.00 19.97 29.17
N ASN B 110 -18.97 20.68 28.56
CA ASN B 110 -19.13 22.16 28.72
C ASN B 110 -20.56 22.57 28.37
N PRO B 111 -21.51 22.52 29.33
CA PRO B 111 -22.92 22.81 29.00
C PRO B 111 -23.21 24.29 28.74
N THR B 112 -22.18 25.15 28.72
CA THR B 112 -22.33 26.56 28.41
C THR B 112 -21.64 26.94 27.10
N SER B 113 -21.09 25.96 26.37
CA SER B 113 -20.46 26.20 25.07
C SER B 113 -21.39 27.05 24.20
N ALA B 114 -20.83 28.05 23.50
CA ALA B 114 -21.54 28.78 22.45
C ALA B 114 -21.89 27.87 21.25
N GLN B 115 -21.24 26.69 21.16
CA GLN B 115 -21.48 25.76 20.05
C GLN B 115 -22.89 25.16 20.13
N ILE B 116 -23.44 25.01 21.33
CA ILE B 116 -24.70 24.35 21.52
C ILE B 116 -25.80 25.14 20.78
N GLY B 117 -26.69 24.41 20.10
CA GLY B 117 -27.76 25.03 19.28
C GLY B 117 -27.29 25.66 17.98
N ARG B 118 -25.97 25.74 17.77
CA ARG B 118 -25.39 26.44 16.63
C ARG B 118 -24.69 25.46 15.68
N GLN B 119 -24.82 24.14 15.85
CA GLN B 119 -24.17 23.24 14.88
C GLN B 119 -25.12 22.09 14.61
N LYS B 120 -24.93 21.49 13.43
CA LYS B 120 -25.77 20.45 12.88
C LYS B 120 -24.86 19.38 12.24
N LEU B 121 -24.99 18.15 12.75
CA LEU B 121 -24.47 16.95 12.13
C LEU B 121 -25.41 16.54 10.98
N LYS B 122 -24.86 16.44 9.76
CA LYS B 122 -25.55 15.92 8.55
C LYS B 122 -26.40 14.69 8.90
N THR B 123 -27.68 14.73 8.55
CA THR B 123 -28.56 13.57 8.60
C THR B 123 -28.95 13.17 7.17
N TYR B 124 -29.43 11.93 7.04
CA TYR B 124 -30.00 11.42 5.80
C TYR B 124 -31.30 10.72 6.14
N PRO B 125 -32.34 10.85 5.27
CA PRO B 125 -33.55 10.06 5.44
C PRO B 125 -33.24 8.57 5.25
N VAL B 126 -34.02 7.74 5.94
CA VAL B 126 -33.96 6.30 5.93
C VAL B 126 -35.38 5.79 5.77
N GLN B 127 -35.55 4.71 5.03
CA GLN B 127 -36.89 4.17 4.85
C GLN B 127 -36.76 2.68 4.59
N GLU B 128 -37.71 1.92 5.13
CA GLU B 128 -37.78 0.48 5.05
C GLU B 128 -38.90 0.09 4.09
N ALA B 129 -38.63 -0.90 3.23
CA ALA B 129 -39.63 -1.47 2.33
C ALA B 129 -39.20 -2.89 1.96
N LYS B 130 -40.12 -3.84 2.05
CA LYS B 130 -39.92 -5.28 1.77
C LYS B 130 -38.73 -5.83 2.57
N GLY B 131 -38.65 -5.49 3.86
CA GLY B 131 -37.59 -6.00 4.78
C GLY B 131 -36.20 -5.45 4.51
N CYS B 132 -36.09 -4.47 3.61
CA CYS B 132 -34.85 -3.84 3.20
C CYS B 132 -34.78 -2.40 3.69
N VAL B 133 -33.58 -1.96 4.09
CA VAL B 133 -33.31 -0.61 4.62
C VAL B 133 -32.68 0.25 3.52
N PHE B 134 -33.36 1.36 3.17
CA PHE B 134 -32.93 2.28 2.17
C PHE B 134 -32.54 3.61 2.83
N ILE B 135 -31.36 4.12 2.45
CA ILE B 135 -30.89 5.43 2.86
C ILE B 135 -30.86 6.34 1.63
N TYR B 136 -31.39 7.55 1.79
CA TYR B 136 -31.31 8.59 0.78
C TYR B 136 -30.01 9.36 0.96
N LEU B 137 -29.00 8.99 0.17
CA LEU B 137 -27.71 9.62 0.26
C LEU B 137 -27.71 10.86 -0.63
N GLY B 138 -28.26 11.93 -0.05
CA GLY B 138 -28.52 13.16 -0.75
C GLY B 138 -28.93 14.27 0.18
N ASP B 139 -29.17 15.42 -0.44
CA ASP B 139 -29.40 16.67 0.25
C ASP B 139 -30.86 17.04 0.08
N GLY B 140 -31.38 17.88 0.98
CA GLY B 140 -32.74 18.38 0.86
C GLY B 140 -33.74 17.27 1.08
N ASP B 141 -34.96 17.44 0.57
CA ASP B 141 -36.07 16.54 0.86
C ASP B 141 -36.10 15.41 -0.17
N PRO B 142 -36.33 14.15 0.24
CA PRO B 142 -36.25 13.03 -0.69
C PRO B 142 -37.43 12.87 -1.65
N PRO B 143 -37.19 12.34 -2.87
CA PRO B 143 -38.27 11.85 -3.71
C PRO B 143 -38.88 10.59 -3.09
N PRO B 144 -40.04 10.10 -3.56
CA PRO B 144 -40.53 8.80 -3.11
C PRO B 144 -39.49 7.73 -3.46
N LEU B 145 -39.49 6.65 -2.68
CA LEU B 145 -38.55 5.60 -2.83
C LEU B 145 -38.73 4.94 -4.20
N ALA B 146 -39.95 5.01 -4.73
CA ALA B 146 -40.31 4.26 -5.92
C ALA B 146 -39.47 4.71 -7.13
N ARG B 147 -39.10 6.00 -7.17
CA ARG B 147 -38.29 6.49 -8.27
C ARG B 147 -37.02 5.64 -8.41
N ASP B 148 -36.47 5.18 -7.28
CA ASP B 148 -35.12 4.54 -7.25
C ASP B 148 -35.23 3.03 -7.06
N THR B 149 -36.40 2.43 -7.28
CA THR B 149 -36.58 1.00 -7.26
C THR B 149 -37.06 0.55 -8.64
N PRO B 150 -36.76 -0.68 -9.09
CA PRO B 150 -37.31 -1.17 -10.35
C PRO B 150 -38.80 -1.44 -10.17
N PRO B 151 -39.56 -1.49 -11.30
CA PRO B 151 -40.99 -1.77 -11.25
C PRO B 151 -41.28 -3.19 -10.71
N ASN B 152 -42.36 -3.25 -9.92
CA ASN B 152 -42.96 -4.44 -9.33
C ASN B 152 -42.30 -4.82 -7.99
N PHE B 153 -41.10 -4.29 -7.72
CA PHE B 153 -40.39 -4.51 -6.44
C PHE B 153 -41.27 -4.13 -5.24
N LEU B 154 -42.04 -3.03 -5.36
CA LEU B 154 -42.84 -2.50 -4.24
C LEU B 154 -44.28 -3.06 -4.28
N ASP B 155 -44.56 -4.07 -5.12
CA ASP B 155 -45.93 -4.60 -5.29
C ASP B 155 -46.39 -5.27 -3.99
N ASP B 156 -47.66 -5.03 -3.64
CA ASP B 156 -48.33 -5.57 -2.46
C ASP B 156 -47.98 -7.04 -2.28
N ASP B 157 -48.09 -7.84 -3.34
CA ASP B 157 -48.00 -9.29 -3.22
C ASP B 157 -46.56 -9.83 -3.37
N MET B 158 -45.58 -8.96 -3.65
CA MET B 158 -44.21 -9.41 -3.99
C MET B 158 -43.43 -9.70 -2.70
N GLU B 159 -43.24 -10.99 -2.40
CA GLU B 159 -42.39 -11.38 -1.29
C GLU B 159 -40.91 -11.26 -1.69
N ILE B 160 -40.15 -10.48 -0.91
CA ILE B 160 -38.75 -10.25 -1.17
C ILE B 160 -37.93 -10.98 -0.11
N LEU B 161 -37.04 -11.84 -0.62
CA LEU B 161 -36.04 -12.55 0.15
C LEU B 161 -34.67 -12.30 -0.50
N GLY B 162 -33.66 -12.06 0.33
CA GLY B 162 -32.44 -11.46 -0.17
C GLY B 162 -31.19 -11.95 0.49
N LYS B 163 -30.08 -11.43 -0.02
CA LYS B 163 -28.75 -11.65 0.48
C LYS B 163 -27.87 -10.43 0.17
N ASN B 164 -26.92 -10.12 1.05
CA ASN B 164 -26.09 -8.94 0.89
C ASN B 164 -24.67 -9.31 1.29
N GLN B 165 -23.69 -8.81 0.50
CA GLN B 165 -22.32 -8.99 0.81
C GLN B 165 -21.51 -7.85 0.18
N ILE B 166 -20.28 -7.71 0.64
CA ILE B 166 -19.36 -6.67 0.20
C ILE B 166 -18.44 -7.26 -0.87
N ILE B 167 -18.38 -6.66 -2.06
CA ILE B 167 -17.58 -7.12 -3.19
C ILE B 167 -16.56 -6.04 -3.56
N LYS B 168 -15.32 -6.48 -3.77
CA LYS B 168 -14.20 -5.65 -4.09
C LYS B 168 -14.13 -5.39 -5.60
N SER B 169 -15.12 -4.66 -6.12
CA SER B 169 -14.97 -3.96 -7.40
C SER B 169 -15.78 -2.66 -7.32
N ASN B 170 -15.38 -1.69 -8.13
CA ASN B 170 -16.24 -0.55 -8.38
C ASN B 170 -17.64 -1.05 -8.77
N TRP B 171 -18.66 -0.31 -8.32
CA TRP B 171 -20.10 -0.59 -8.56
C TRP B 171 -20.45 -0.66 -10.05
N ARG B 172 -19.73 0.12 -10.88
CA ARG B 172 -20.11 0.25 -12.28
C ARG B 172 -19.73 -1.02 -13.03
N LEU B 173 -18.64 -1.64 -12.63
CA LEU B 173 -18.24 -2.90 -13.22
C LEU B 173 -19.32 -3.96 -12.94
N ALA B 174 -19.93 -3.90 -11.74
CA ALA B 174 -20.98 -4.83 -11.34
C ALA B 174 -22.23 -4.65 -12.22
N VAL B 175 -22.67 -3.39 -12.36
CA VAL B 175 -23.86 -3.02 -13.13
C VAL B 175 -23.69 -3.52 -14.57
N GLU B 176 -22.54 -3.17 -15.16
CA GLU B 176 -22.31 -3.42 -16.56
C GLU B 176 -22.34 -4.93 -16.80
N ASN B 177 -21.74 -5.70 -15.88
CA ASN B 177 -21.73 -7.15 -16.04
C ASN B 177 -23.19 -7.66 -15.96
N GLY B 178 -23.93 -7.20 -14.96
CA GLY B 178 -25.31 -7.55 -14.82
C GLY B 178 -26.12 -7.34 -16.08
N PHE B 179 -25.93 -6.20 -16.76
CA PHE B 179 -26.83 -5.80 -17.86
C PHE B 179 -26.25 -6.15 -19.24
N ASP B 180 -25.14 -6.87 -19.25
CA ASP B 180 -24.36 -7.22 -20.44
C ASP B 180 -25.01 -8.42 -21.13
N PRO B 181 -25.61 -8.26 -22.34
CA PRO B 181 -26.34 -9.36 -22.96
C PRO B 181 -25.45 -10.53 -23.42
N SER B 182 -24.15 -10.31 -23.67
CA SER B 182 -23.27 -11.41 -24.06
C SER B 182 -22.53 -12.03 -22.87
N HIS B 183 -22.72 -11.52 -21.64
CA HIS B 183 -21.96 -12.02 -20.51
C HIS B 183 -22.48 -13.41 -20.14
N ILE B 184 -23.67 -13.77 -20.63
CA ILE B 184 -24.29 -15.03 -20.30
C ILE B 184 -23.37 -16.20 -20.66
N TYR B 185 -22.37 -15.95 -21.53
CA TYR B 185 -21.38 -16.94 -21.83
C TYR B 185 -20.75 -17.52 -20.54
N ILE B 186 -20.62 -16.70 -19.50
CA ILE B 186 -19.93 -17.14 -18.25
C ILE B 186 -20.80 -18.12 -17.44
N HIS B 187 -22.08 -18.21 -17.79
CA HIS B 187 -23.07 -18.99 -17.06
C HIS B 187 -23.34 -20.35 -17.73
N LYS B 188 -22.57 -20.67 -18.78
CA LYS B 188 -22.88 -21.83 -19.62
C LYS B 188 -22.72 -23.18 -18.89
N ASP B 189 -21.87 -23.24 -17.84
CA ASP B 189 -21.64 -24.49 -17.11
C ASP B 189 -22.39 -24.47 -15.78
N SER B 190 -23.37 -23.59 -15.65
CA SER B 190 -24.00 -23.30 -14.34
C SER B 190 -24.94 -24.44 -13.91
N ILE B 191 -24.90 -24.84 -12.62
CA ILE B 191 -25.71 -25.94 -12.10
C ILE B 191 -27.20 -25.57 -12.22
N LEU B 192 -27.53 -24.30 -11.98
CA LEU B 192 -28.91 -23.80 -12.08
C LEU B 192 -29.46 -24.05 -13.49
N VAL B 193 -28.61 -23.81 -14.49
CA VAL B 193 -29.01 -23.87 -15.89
C VAL B 193 -29.33 -25.33 -16.23
N LYS B 194 -28.47 -26.24 -15.74
CA LYS B 194 -28.61 -27.66 -16.00
C LYS B 194 -29.79 -28.20 -15.19
N ASP B 195 -29.79 -28.00 -13.86
CA ASP B 195 -30.72 -28.68 -12.93
C ASP B 195 -32.15 -28.11 -13.01
N ASN B 196 -32.28 -26.85 -13.41
CA ASN B 196 -33.58 -26.21 -13.59
C ASN B 196 -33.98 -26.17 -15.07
N ASP B 197 -33.13 -26.72 -15.95
CA ASP B 197 -33.33 -26.80 -17.42
C ASP B 197 -33.75 -25.45 -18.04
N LEU B 198 -33.02 -24.37 -17.69
CA LEU B 198 -33.15 -23.06 -18.34
C LEU B 198 -32.60 -23.13 -19.75
N ALA B 199 -33.33 -22.49 -20.66
CA ALA B 199 -32.85 -22.21 -22.00
C ALA B 199 -31.83 -21.07 -21.91
N LEU B 200 -30.57 -21.37 -22.20
CA LEU B 200 -29.49 -20.39 -22.14
C LEU B 200 -28.58 -20.46 -23.37
N PRO B 201 -28.77 -19.51 -24.30
CA PRO B 201 -27.84 -19.34 -25.42
C PRO B 201 -26.44 -18.94 -24.91
N LEU B 202 -25.45 -19.13 -25.75
CA LEU B 202 -24.12 -18.59 -25.57
C LEU B 202 -24.15 -17.08 -25.77
N GLY B 203 -25.09 -16.61 -26.60
CA GLY B 203 -25.25 -15.21 -26.92
C GLY B 203 -26.27 -15.00 -28.03
N PHE B 204 -26.26 -13.79 -28.61
CA PHE B 204 -27.20 -13.39 -29.63
C PHE B 204 -26.47 -12.66 -30.78
N ALA B 205 -26.68 -13.12 -32.01
CA ALA B 205 -26.36 -12.35 -33.23
C ALA B 205 -27.42 -11.27 -33.38
N PRO B 206 -27.07 -9.97 -33.23
CA PRO B 206 -28.09 -8.92 -33.09
C PRO B 206 -28.92 -8.80 -34.37
N GLY B 207 -30.17 -8.35 -34.21
CA GLY B 207 -31.18 -8.35 -35.28
C GLY B 207 -31.47 -6.96 -35.82
N GLY B 208 -30.59 -6.47 -36.70
CA GLY B 208 -30.84 -5.27 -37.50
C GLY B 208 -30.22 -4.02 -36.89
N ASP B 209 -31.07 -3.10 -36.43
CA ASP B 209 -30.73 -1.67 -36.27
C ASP B 209 -30.20 -1.40 -34.85
N ARG B 210 -29.06 -0.69 -34.81
CA ARG B 210 -28.39 -0.27 -33.58
C ARG B 210 -29.39 0.40 -32.63
N LYS B 211 -30.20 1.31 -33.18
CA LYS B 211 -31.09 2.20 -32.39
C LYS B 211 -32.15 1.41 -31.61
N GLN B 212 -32.34 0.11 -31.93
CA GLN B 212 -33.47 -0.66 -31.41
C GLN B 212 -33.04 -1.94 -30.67
N GLN B 213 -31.83 -2.01 -30.13
CA GLN B 213 -31.47 -3.15 -29.28
C GLN B 213 -31.90 -2.90 -27.83
N THR B 214 -32.36 -1.68 -27.53
CA THR B 214 -32.72 -1.24 -26.21
C THR B 214 -33.93 -0.33 -26.29
N ARG B 215 -34.59 -0.17 -25.15
CA ARG B 215 -35.69 0.77 -24.97
C ARG B 215 -35.41 1.53 -23.67
N VAL B 216 -35.31 2.85 -23.79
CA VAL B 216 -35.13 3.71 -22.68
C VAL B 216 -36.53 4.05 -22.17
N VAL B 217 -36.62 4.24 -20.85
CA VAL B 217 -37.86 4.53 -20.16
C VAL B 217 -37.58 5.73 -19.23
N ASP B 218 -38.26 6.85 -19.49
CA ASP B 218 -38.14 8.04 -18.63
C ASP B 218 -39.52 8.66 -18.32
N ASP B 219 -40.60 8.03 -18.80
CA ASP B 219 -41.95 8.58 -18.70
C ASP B 219 -42.70 7.91 -17.54
N ASP B 220 -42.03 7.01 -16.82
CA ASP B 220 -42.67 6.19 -15.81
C ASP B 220 -43.37 7.10 -14.79
N VAL B 221 -44.45 6.58 -14.18
CA VAL B 221 -45.38 7.31 -13.27
C VAL B 221 -44.69 7.86 -12.02
N VAL B 222 -43.56 7.26 -11.61
CA VAL B 222 -42.83 7.71 -10.40
C VAL B 222 -41.47 8.28 -10.82
N GLY B 223 -41.28 8.50 -12.13
CA GLY B 223 -40.05 9.08 -12.65
C GLY B 223 -38.85 8.14 -12.56
N ARG B 224 -39.09 6.80 -12.55
CA ARG B 224 -38.03 5.82 -12.68
C ARG B 224 -37.32 6.02 -14.01
N LYS B 225 -36.03 5.71 -14.02
CA LYS B 225 -35.14 5.90 -15.15
C LYS B 225 -34.42 4.57 -15.39
N GLY B 226 -34.59 4.00 -16.59
CA GLY B 226 -34.07 2.67 -16.90
C GLY B 226 -33.90 2.42 -18.40
N VAL B 227 -33.25 1.29 -18.69
CA VAL B 227 -33.10 0.75 -20.03
C VAL B 227 -33.49 -0.73 -20.00
N TYR B 228 -34.31 -1.14 -20.98
CA TYR B 228 -34.57 -2.54 -21.27
C TYR B 228 -33.64 -3.01 -22.40
N ASP B 229 -32.98 -4.15 -22.18
CA ASP B 229 -32.23 -4.90 -23.22
C ASP B 229 -33.22 -5.71 -24.05
N LEU B 230 -33.24 -5.49 -25.37
CA LEU B 230 -34.16 -6.20 -26.22
C LEU B 230 -33.41 -7.06 -27.25
N ILE B 231 -32.14 -7.35 -27.02
CA ILE B 231 -31.34 -8.10 -28.02
C ILE B 231 -32.10 -9.38 -28.44
N GLY B 232 -32.74 -10.05 -27.47
CA GLY B 232 -33.54 -11.28 -27.70
C GLY B 232 -34.84 -11.05 -28.47
N GLU B 233 -35.29 -9.80 -28.58
CA GLU B 233 -36.50 -9.52 -29.35
C GLU B 233 -36.32 -10.01 -30.80
N HIS B 234 -35.32 -9.49 -31.52
CA HIS B 234 -35.15 -9.89 -32.92
C HIS B 234 -33.76 -10.50 -33.15
N GLY B 235 -33.04 -10.81 -32.07
CA GLY B 235 -31.73 -11.46 -32.14
C GLY B 235 -31.85 -12.94 -32.46
N VAL B 236 -30.81 -13.47 -33.13
CA VAL B 236 -30.69 -14.91 -33.37
C VAL B 236 -29.81 -15.49 -32.27
N PRO B 237 -30.35 -16.41 -31.44
CA PRO B 237 -29.58 -17.03 -30.37
C PRO B 237 -28.50 -17.96 -30.93
N VAL B 238 -27.33 -17.95 -30.29
CA VAL B 238 -26.26 -18.90 -30.57
C VAL B 238 -26.45 -20.12 -29.68
N PHE B 239 -26.78 -21.27 -30.28
CA PHE B 239 -26.75 -22.52 -29.54
C PHE B 239 -25.58 -23.38 -30.00
N GLU B 240 -24.95 -23.02 -31.12
CA GLU B 240 -23.83 -23.75 -31.67
C GLU B 240 -22.72 -22.76 -32.01
N GLY B 241 -21.78 -22.59 -31.06
CA GLY B 241 -20.66 -21.66 -31.23
C GLY B 241 -19.54 -22.29 -32.01
N THR B 242 -19.01 -21.57 -33.01
CA THR B 242 -18.02 -22.11 -33.92
C THR B 242 -16.69 -21.36 -33.86
N ILE B 243 -15.63 -22.13 -34.11
CA ILE B 243 -14.30 -21.65 -34.43
C ILE B 243 -13.92 -22.30 -35.77
N GLY B 244 -13.64 -21.45 -36.77
CA GLY B 244 -13.33 -21.88 -38.14
C GLY B 244 -14.40 -22.76 -38.76
N GLY B 245 -15.68 -22.52 -38.43
CA GLY B 245 -16.80 -23.32 -38.96
C GLY B 245 -17.18 -24.51 -38.10
N GLU B 246 -16.27 -24.92 -37.21
CA GLU B 246 -16.36 -26.14 -36.42
C GLU B 246 -17.11 -25.80 -35.12
N VAL B 247 -18.15 -26.56 -34.80
CA VAL B 247 -18.88 -26.35 -33.59
C VAL B 247 -18.01 -26.77 -32.40
N VAL B 248 -17.72 -25.81 -31.51
CA VAL B 248 -16.78 -26.08 -30.42
C VAL B 248 -17.50 -26.01 -29.07
N ARG B 249 -18.68 -25.38 -29.00
CA ARG B 249 -19.42 -25.30 -27.77
C ARG B 249 -20.90 -25.12 -28.07
N GLU B 250 -21.76 -25.80 -27.30
CA GLU B 250 -23.19 -25.63 -27.45
C GLU B 250 -23.74 -24.85 -26.25
N GLY B 251 -24.79 -24.06 -26.51
CA GLY B 251 -25.63 -23.49 -25.48
C GLY B 251 -26.45 -24.58 -24.78
N ALA B 252 -27.28 -24.15 -23.84
CA ALA B 252 -28.05 -25.04 -23.01
C ALA B 252 -29.51 -24.98 -23.49
N TYR B 253 -29.95 -26.05 -24.14
CA TYR B 253 -31.34 -26.23 -24.48
C TYR B 253 -32.11 -26.38 -23.17
N GLY B 254 -33.38 -25.96 -23.18
CA GLY B 254 -34.18 -26.08 -21.98
C GLY B 254 -35.63 -25.66 -22.17
N GLU B 255 -36.48 -26.21 -21.31
CA GLU B 255 -37.92 -25.93 -21.28
C GLU B 255 -38.22 -24.52 -20.75
N LYS B 256 -37.44 -24.07 -19.76
CA LYS B 256 -37.74 -22.87 -19.00
C LYS B 256 -37.16 -21.61 -19.66
N ILE B 257 -38.05 -20.74 -20.12
CA ILE B 257 -37.70 -19.47 -20.70
C ILE B 257 -37.56 -18.45 -19.56
N VAL B 258 -36.34 -17.96 -19.36
CA VAL B 258 -36.10 -16.95 -18.34
C VAL B 258 -35.50 -15.70 -18.98
N ALA B 259 -35.55 -14.60 -18.22
CA ALA B 259 -34.85 -13.37 -18.57
C ALA B 259 -35.31 -12.86 -19.94
N ASN B 260 -36.61 -12.84 -20.21
CA ASN B 260 -37.04 -12.20 -21.44
C ASN B 260 -37.26 -10.70 -21.19
N ASP B 261 -37.31 -10.33 -19.91
CA ASP B 261 -37.49 -8.97 -19.47
C ASP B 261 -36.29 -8.63 -18.57
N ILE B 262 -35.32 -7.87 -19.12
CA ILE B 262 -34.06 -7.42 -18.44
C ILE B 262 -33.97 -5.89 -18.55
N SER B 263 -33.85 -5.21 -17.39
CA SER B 263 -33.79 -3.75 -17.33
C SER B 263 -32.81 -3.32 -16.23
N ILE B 264 -32.07 -2.24 -16.50
CA ILE B 264 -31.23 -1.57 -15.50
C ILE B 264 -31.84 -0.20 -15.18
N TRP B 265 -31.84 0.15 -13.88
CA TRP B 265 -32.45 1.38 -13.37
C TRP B 265 -31.45 2.16 -12.52
N LEU B 266 -31.53 3.49 -12.64
CA LEU B 266 -30.92 4.35 -11.66
C LEU B 266 -31.51 4.03 -10.27
N PRO B 267 -30.65 4.01 -9.24
CA PRO B 267 -29.26 4.43 -9.31
C PRO B 267 -28.25 3.34 -9.67
N GLY B 268 -28.72 2.08 -9.77
CA GLY B 268 -27.87 0.97 -10.13
C GLY B 268 -28.48 -0.37 -9.76
N VAL B 269 -29.66 -0.67 -10.32
CA VAL B 269 -30.44 -1.85 -9.93
C VAL B 269 -30.98 -2.56 -11.17
N LEU B 270 -30.64 -3.86 -11.26
CA LEU B 270 -31.00 -4.76 -12.34
C LEU B 270 -32.25 -5.56 -11.95
N LYS B 271 -33.19 -5.62 -12.90
CA LYS B 271 -34.34 -6.46 -12.82
C LYS B 271 -34.27 -7.52 -13.91
N VAL B 272 -34.33 -8.80 -13.52
CA VAL B 272 -34.39 -9.89 -14.47
C VAL B 272 -35.65 -10.69 -14.17
N ASN B 273 -36.52 -10.78 -15.19
CA ASN B 273 -37.85 -11.35 -15.06
C ASN B 273 -38.16 -12.20 -16.30
N PRO B 274 -38.64 -13.44 -16.11
CA PRO B 274 -38.55 -14.19 -14.87
C PRO B 274 -37.12 -14.70 -14.62
N PHE B 275 -36.80 -14.92 -13.34
CA PHE B 275 -35.55 -15.51 -12.90
C PHE B 275 -35.61 -15.72 -11.39
N PRO B 276 -35.21 -16.89 -10.88
CA PRO B 276 -34.58 -18.01 -11.59
C PRO B 276 -35.59 -19.07 -12.03
N ASN B 277 -36.87 -18.79 -11.82
CA ASN B 277 -37.96 -19.65 -12.16
C ASN B 277 -39.03 -18.79 -12.82
N PRO B 278 -39.95 -19.37 -13.62
CA PRO B 278 -40.95 -18.60 -14.35
C PRO B 278 -41.87 -17.69 -13.51
N ASP B 279 -41.98 -17.92 -12.21
CA ASP B 279 -42.92 -17.16 -11.43
C ASP B 279 -42.17 -16.28 -10.41
N MET B 280 -40.89 -16.02 -10.65
CA MET B 280 -40.09 -15.19 -9.78
C MET B 280 -39.34 -14.20 -10.66
N MET B 281 -38.74 -13.21 -10.00
CA MET B 281 -37.82 -12.29 -10.61
C MET B 281 -36.72 -11.94 -9.60
N GLN B 282 -35.62 -11.42 -10.13
CA GLN B 282 -34.43 -11.06 -9.34
C GLN B 282 -34.27 -9.56 -9.50
N PHE B 283 -34.25 -8.85 -8.39
CA PHE B 283 -33.85 -7.47 -8.33
C PHE B 283 -32.54 -7.40 -7.53
N GLU B 284 -31.47 -6.87 -8.14
CA GLU B 284 -30.18 -6.79 -7.45
C GLU B 284 -29.56 -5.40 -7.66
N TRP B 285 -29.08 -4.83 -6.55
CA TRP B 285 -28.43 -3.52 -6.50
C TRP B 285 -26.90 -3.68 -6.41
N TYR B 286 -26.19 -2.70 -6.97
CA TYR B 286 -24.75 -2.65 -6.85
C TYR B 286 -24.41 -1.31 -6.20
N VAL B 287 -24.35 -1.30 -4.87
CA VAL B 287 -24.40 -0.09 -4.09
C VAL B 287 -22.97 0.36 -3.77
N PRO B 288 -22.56 1.58 -4.22
CA PRO B 288 -21.17 2.03 -4.05
C PRO B 288 -20.84 2.21 -2.56
N ILE B 289 -19.74 1.59 -2.12
CA ILE B 289 -19.24 1.76 -0.77
C ILE B 289 -18.11 2.78 -0.80
N ASP B 290 -17.15 2.49 -1.67
CA ASP B 290 -16.10 3.44 -2.02
C ASP B 290 -15.76 3.21 -3.49
N GLU B 291 -14.63 3.75 -3.95
CA GLU B 291 -14.22 3.68 -5.32
C GLU B 291 -13.99 2.21 -5.74
N ASN B 292 -13.64 1.34 -4.78
CA ASN B 292 -13.11 0.00 -5.02
C ASN B 292 -14.09 -1.10 -4.64
N THR B 293 -15.26 -0.75 -4.12
CA THR B 293 -16.07 -1.66 -3.30
C THR B 293 -17.55 -1.32 -3.46
N HIS B 294 -18.40 -2.37 -3.43
CA HIS B 294 -19.86 -2.24 -3.45
C HIS B 294 -20.52 -3.29 -2.57
N TYR B 295 -21.74 -2.97 -2.11
CA TYR B 295 -22.68 -3.96 -1.64
C TYR B 295 -23.33 -4.63 -2.86
N TYR B 296 -23.22 -5.96 -2.95
CA TYR B 296 -24.00 -6.73 -3.88
C TYR B 296 -25.25 -7.18 -3.14
N PHE B 297 -26.32 -6.41 -3.30
CA PHE B 297 -27.54 -6.52 -2.57
C PHE B 297 -28.56 -7.25 -3.48
N GLN B 298 -28.69 -8.54 -3.26
CA GLN B 298 -29.44 -9.42 -4.12
C GLN B 298 -30.81 -9.68 -3.51
N THR B 299 -31.87 -9.64 -4.32
CA THR B 299 -33.20 -10.07 -3.87
C THR B 299 -33.88 -10.90 -4.95
N LEU B 300 -34.72 -11.83 -4.48
CA LEU B 300 -35.66 -12.59 -5.32
C LEU B 300 -37.08 -12.24 -4.88
N GLY B 301 -37.90 -11.93 -5.88
CA GLY B 301 -39.29 -11.58 -5.65
C GLY B 301 -40.19 -12.70 -6.15
N LYS B 302 -41.23 -13.02 -5.37
CA LYS B 302 -42.22 -14.01 -5.77
C LYS B 302 -43.61 -13.60 -5.33
N PRO B 303 -44.57 -13.35 -6.26
CA PRO B 303 -45.94 -13.04 -5.90
C PRO B 303 -46.51 -14.17 -5.02
N CYS B 304 -46.89 -13.80 -3.78
CA CYS B 304 -47.37 -14.72 -2.77
C CYS B 304 -48.79 -14.30 -2.34
N ALA B 305 -49.76 -15.22 -2.52
CA ALA B 305 -51.19 -14.91 -2.36
C ALA B 305 -51.60 -14.93 -0.88
N ASN B 306 -50.80 -15.60 -0.05
CA ASN B 306 -51.15 -15.88 1.31
C ASN B 306 -49.91 -16.47 2.03
N ASP B 307 -50.11 -16.88 3.29
CA ASP B 307 -49.02 -17.25 4.17
C ASP B 307 -48.41 -18.60 3.77
N GLU B 308 -49.28 -19.52 3.34
CA GLU B 308 -48.85 -20.81 2.87
C GLU B 308 -47.88 -20.62 1.70
N GLU B 309 -48.17 -19.65 0.82
CA GLU B 309 -47.29 -19.30 -0.28
C GLU B 309 -45.99 -18.65 0.24
N ARG B 310 -46.10 -17.71 1.18
CA ARG B 310 -44.92 -17.01 1.73
C ARG B 310 -43.96 -18.02 2.34
N LYS B 311 -44.51 -18.87 3.21
CA LYS B 311 -43.73 -19.82 3.99
C LYS B 311 -43.11 -20.86 3.04
N LYS B 312 -43.82 -21.26 1.99
CA LYS B 312 -43.27 -22.28 1.11
C LYS B 312 -42.23 -21.61 0.18
N TYR B 313 -42.41 -20.33 -0.12
CA TYR B 313 -41.40 -19.55 -0.87
C TYR B 313 -40.07 -19.52 -0.10
N GLU B 314 -40.17 -19.21 1.20
CA GLU B 314 -39.03 -19.09 2.11
C GLU B 314 -38.31 -20.43 2.25
N GLN B 315 -39.07 -21.52 2.34
CA GLN B 315 -38.54 -22.89 2.34
C GLN B 315 -37.72 -23.11 1.06
N GLU B 316 -38.31 -22.76 -0.09
CA GLU B 316 -37.71 -22.90 -1.42
C GLU B 316 -36.41 -22.09 -1.51
N PHE B 317 -36.46 -20.83 -1.05
CA PHE B 317 -35.32 -19.92 -1.08
C PHE B 317 -34.14 -20.52 -0.32
N GLU B 318 -34.38 -20.95 0.93
CA GLU B 318 -33.30 -21.43 1.79
C GLU B 318 -32.73 -22.75 1.27
N SER B 319 -33.59 -23.64 0.77
CA SER B 319 -33.16 -24.97 0.39
C SER B 319 -32.56 -24.93 -1.02
N LYS B 320 -33.06 -24.06 -1.91
CA LYS B 320 -32.74 -24.16 -3.35
C LYS B 320 -32.21 -22.85 -3.96
N TRP B 321 -33.01 -21.78 -3.96
CA TRP B 321 -32.73 -20.60 -4.81
C TRP B 321 -31.49 -19.83 -4.34
N LYS B 322 -31.33 -19.66 -3.02
CA LYS B 322 -30.18 -18.99 -2.45
C LYS B 322 -28.89 -19.73 -2.81
N PRO B 323 -28.70 -21.03 -2.46
CA PRO B 323 -27.45 -21.71 -2.78
C PRO B 323 -27.24 -21.96 -4.29
N MET B 324 -28.31 -22.29 -5.03
CA MET B 324 -28.15 -22.63 -6.45
C MET B 324 -28.09 -21.35 -7.31
N ALA B 325 -28.91 -20.34 -7.00
CA ALA B 325 -29.04 -19.16 -7.88
C ALA B 325 -28.19 -17.99 -7.36
N LEU B 326 -28.53 -17.47 -6.18
CA LEU B 326 -27.90 -16.26 -5.66
C LEU B 326 -26.42 -16.52 -5.35
N GLU B 327 -26.07 -17.78 -5.01
CA GLU B 327 -24.67 -18.17 -4.73
C GLU B 327 -24.08 -18.85 -5.96
N GLY B 328 -24.59 -20.03 -6.29
CA GLY B 328 -24.01 -20.79 -7.40
C GLY B 328 -23.92 -19.97 -8.67
N PHE B 329 -25.08 -19.56 -9.21
CA PHE B 329 -25.17 -18.86 -10.49
C PHE B 329 -24.38 -17.54 -10.42
N ASN B 330 -24.71 -16.64 -9.48
CA ASN B 330 -24.13 -15.28 -9.44
C ASN B 330 -22.68 -15.23 -8.96
N ASN B 331 -22.12 -16.33 -8.44
CA ASN B 331 -20.69 -16.35 -8.07
C ASN B 331 -19.82 -16.03 -9.30
N ASP B 332 -20.23 -16.52 -10.47
CA ASP B 332 -19.52 -16.23 -11.73
C ASP B 332 -19.59 -14.74 -12.05
N ASP B 333 -20.68 -14.04 -11.68
CA ASP B 333 -20.78 -12.56 -11.90
C ASP B 333 -19.80 -11.81 -11.00
N ILE B 334 -19.56 -12.34 -9.80
CA ILE B 334 -18.64 -11.75 -8.83
C ILE B 334 -17.21 -11.80 -9.40
N TRP B 335 -16.78 -12.96 -9.92
CA TRP B 335 -15.42 -13.12 -10.48
C TRP B 335 -15.25 -12.26 -11.75
N ALA B 336 -16.31 -12.21 -12.57
CA ALA B 336 -16.34 -11.41 -13.80
C ALA B 336 -16.06 -9.92 -13.47
N ARG B 337 -16.71 -9.41 -12.43
CA ARG B 337 -16.51 -8.03 -12.00
C ARG B 337 -15.06 -7.79 -11.58
N GLU B 338 -14.56 -8.70 -10.72
CA GLU B 338 -13.23 -8.61 -10.16
C GLU B 338 -12.18 -8.63 -11.28
N ALA B 339 -12.46 -9.36 -12.36
CA ALA B 339 -11.49 -9.52 -13.45
C ALA B 339 -11.35 -8.23 -14.28
N MET B 340 -12.35 -7.33 -14.19
CA MET B 340 -12.32 -6.05 -14.92
C MET B 340 -11.64 -4.96 -14.06
N VAL B 341 -11.36 -5.23 -12.77
CA VAL B 341 -10.85 -4.18 -11.85
C VAL B 341 -9.59 -3.49 -12.42
N ASP B 342 -8.58 -4.27 -12.81
CA ASP B 342 -7.26 -3.74 -13.16
C ASP B 342 -7.34 -2.83 -14.40
N PHE B 343 -8.12 -3.25 -15.39
CA PHE B 343 -8.20 -2.52 -16.61
C PHE B 343 -8.82 -1.14 -16.38
N TYR B 344 -9.79 -1.04 -15.44
CA TYR B 344 -10.54 0.24 -15.20
C TYR B 344 -9.99 1.05 -14.02
N ALA B 345 -8.99 0.51 -13.31
CA ALA B 345 -8.56 1.02 -11.99
C ALA B 345 -7.85 2.37 -12.14
N ASP B 346 -7.16 2.58 -13.26
CA ASP B 346 -6.44 3.82 -13.53
C ASP B 346 -7.32 4.79 -14.36
N ASP B 347 -8.60 4.42 -14.55
CA ASP B 347 -9.58 5.17 -15.36
C ASP B 347 -9.33 5.04 -16.88
N LYS B 348 -8.31 4.30 -17.29
CA LYS B 348 -7.92 4.24 -18.73
C LYS B 348 -8.74 3.20 -19.50
N GLY B 349 -9.25 2.17 -18.80
CA GLY B 349 -10.13 1.16 -19.41
C GLY B 349 -11.29 1.78 -20.18
N TRP B 350 -11.78 2.93 -19.71
CA TRP B 350 -12.91 3.66 -20.27
C TRP B 350 -12.59 4.17 -21.67
N VAL B 351 -11.31 4.46 -21.94
CA VAL B 351 -10.89 4.91 -23.26
C VAL B 351 -10.30 3.75 -24.08
N ASN B 352 -9.73 2.71 -23.46
CA ASN B 352 -9.00 1.69 -24.22
C ASN B 352 -9.88 0.49 -24.58
N GLU B 353 -11.07 0.38 -23.99
CA GLU B 353 -11.94 -0.79 -24.21
C GLU B 353 -12.32 -0.81 -25.70
N ILE B 354 -12.49 -2.00 -26.28
CA ILE B 354 -13.01 -2.12 -27.65
C ILE B 354 -14.33 -2.89 -27.55
N LEU B 355 -15.45 -2.18 -27.78
CA LEU B 355 -16.80 -2.70 -27.63
C LEU B 355 -17.27 -3.37 -28.92
N PHE B 356 -18.29 -4.25 -28.81
CA PHE B 356 -18.95 -4.88 -30.02
C PHE B 356 -20.46 -4.73 -29.87
N GLU B 357 -21.23 -5.38 -30.75
CA GLU B 357 -22.61 -4.91 -31.02
C GLU B 357 -23.51 -5.00 -29.78
N SER B 358 -23.38 -6.07 -28.99
CA SER B 358 -24.28 -6.27 -27.84
C SER B 358 -23.97 -5.32 -26.69
N ASP B 359 -22.83 -4.63 -26.74
CA ASP B 359 -22.46 -3.61 -25.75
C ASP B 359 -23.33 -2.35 -25.93
N GLU B 360 -24.12 -2.32 -27.01
CA GLU B 360 -25.10 -1.26 -27.22
C GLU B 360 -25.92 -1.03 -25.95
N ALA B 361 -26.30 -2.14 -25.28
CA ALA B 361 -27.07 -2.14 -24.03
C ALA B 361 -26.35 -1.34 -22.92
N ILE B 362 -25.07 -1.65 -22.73
CA ILE B 362 -24.20 -0.99 -21.74
C ILE B 362 -24.06 0.50 -22.09
N VAL B 363 -23.90 0.82 -23.37
CA VAL B 363 -23.74 2.20 -23.79
C VAL B 363 -25.03 2.98 -23.51
N ALA B 364 -26.19 2.34 -23.79
CA ALA B 364 -27.47 2.94 -23.51
C ALA B 364 -27.57 3.24 -22.01
N TRP B 365 -27.10 2.31 -21.17
CA TRP B 365 -27.13 2.51 -19.74
C TRP B 365 -26.20 3.67 -19.32
N ARG B 366 -25.01 3.74 -19.91
CA ARG B 366 -24.02 4.79 -19.60
C ARG B 366 -24.59 6.18 -19.95
N LYS B 367 -25.32 6.27 -21.06
CA LYS B 367 -25.90 7.53 -21.48
C LYS B 367 -27.08 7.91 -20.56
N LEU B 368 -28.00 6.94 -20.32
CA LEU B 368 -29.12 7.08 -19.39
C LEU B 368 -28.60 7.59 -18.03
N ALA B 369 -27.60 6.89 -17.48
CA ALA B 369 -27.05 7.21 -16.18
C ALA B 369 -26.50 8.64 -16.19
N SER B 370 -25.75 8.97 -17.27
CA SER B 370 -25.13 10.27 -17.46
C SER B 370 -26.19 11.37 -17.61
N GLU B 371 -27.36 11.05 -18.16
CA GLU B 371 -28.45 12.02 -18.38
C GLU B 371 -29.28 12.23 -17.08
N HIS B 372 -29.63 11.15 -16.36
CA HIS B 372 -30.76 11.19 -15.41
C HIS B 372 -30.37 10.99 -13.96
N ASN B 373 -29.06 10.89 -13.68
CA ASN B 373 -28.61 10.88 -12.29
C ASN B 373 -28.82 12.28 -11.71
N GLN B 374 -28.88 12.35 -10.38
CA GLN B 374 -29.29 13.51 -9.62
C GLN B 374 -28.08 14.13 -8.90
N GLY B 375 -26.87 13.86 -9.40
CA GLY B 375 -25.63 14.46 -8.91
C GLY B 375 -24.49 13.45 -8.83
N ILE B 376 -23.25 13.93 -9.00
CA ILE B 376 -22.08 13.12 -8.88
C ILE B 376 -21.48 13.27 -7.47
N GLN B 377 -21.39 12.15 -6.75
CA GLN B 377 -20.73 12.12 -5.43
C GLN B 377 -19.24 12.36 -5.64
N THR B 378 -18.67 13.31 -4.89
CA THR B 378 -17.23 13.64 -4.97
C THR B 378 -16.56 13.51 -3.60
N GLN B 379 -15.24 13.54 -3.64
CA GLN B 379 -14.39 13.53 -2.45
C GLN B 379 -14.76 14.66 -1.49
N ALA B 380 -15.28 15.77 -2.00
CA ALA B 380 -15.61 16.91 -1.19
C ALA B 380 -16.92 16.65 -0.42
N HIS B 381 -17.81 15.83 -0.97
CA HIS B 381 -18.96 15.36 -0.21
C HIS B 381 -18.48 14.46 0.93
N VAL B 382 -17.43 13.67 0.66
CA VAL B 382 -16.89 12.69 1.61
C VAL B 382 -16.16 13.41 2.74
N SER B 383 -15.24 14.32 2.39
CA SER B 383 -14.35 15.01 3.33
C SER B 383 -14.91 16.41 3.63
N GLY B 384 -14.53 17.40 2.81
CA GLY B 384 -15.01 18.79 2.97
C GLY B 384 -14.06 19.79 2.32
N ALA C 2 6.81 22.88 3.81
CA ALA C 2 7.67 21.82 3.20
C ALA C 2 6.94 20.47 3.13
N ASN C 3 6.08 20.17 4.11
CA ASN C 3 5.51 18.83 4.25
C ASN C 3 4.06 18.79 3.76
N VAL C 4 3.34 19.91 3.87
CA VAL C 4 1.90 19.95 3.68
C VAL C 4 1.58 20.90 2.51
N ASP C 5 0.61 20.49 1.68
CA ASP C 5 0.06 21.27 0.57
C ASP C 5 -0.10 22.74 1.01
N GLU C 6 0.54 23.65 0.25
CA GLU C 6 0.62 25.08 0.59
C GLU C 6 -0.80 25.69 0.74
N ALA C 7 -1.80 25.07 0.09
CA ALA C 7 -3.20 25.52 0.15
C ALA C 7 -3.75 25.45 1.57
N ILE C 8 -3.42 24.35 2.28
CA ILE C 8 -3.88 24.09 3.66
C ILE C 8 -3.11 25.00 4.63
N LEU C 9 -1.80 25.11 4.45
CA LEU C 9 -0.94 25.92 5.30
C LEU C 9 -1.40 27.38 5.31
N LYS C 10 -1.84 27.90 4.15
CA LYS C 10 -2.32 29.27 4.06
C LYS C 10 -3.55 29.44 4.97
N ARG C 11 -4.43 28.44 4.97
CA ARG C 11 -5.73 28.47 5.67
C ARG C 11 -5.57 28.34 7.20
N VAL C 12 -4.39 27.98 7.73
CA VAL C 12 -4.22 27.83 9.20
C VAL C 12 -3.16 28.82 9.71
N LYS C 13 -3.12 30.03 9.15
CA LYS C 13 -1.95 30.93 9.29
C LYS C 13 -1.44 30.95 10.75
N GLY C 14 -2.36 31.09 11.71
CA GLY C 14 -2.03 31.32 13.11
C GLY C 14 -1.23 30.19 13.77
N TRP C 15 -0.94 29.10 13.04
CA TRP C 15 -0.05 28.03 13.53
C TRP C 15 0.36 27.06 12.40
N ALA C 16 0.63 27.61 11.22
CA ALA C 16 0.99 26.84 10.03
C ALA C 16 2.30 26.07 10.19
N PRO C 17 3.32 26.55 10.94
CA PRO C 17 4.53 25.78 11.17
C PRO C 17 4.29 24.44 11.87
N TYR C 18 3.25 24.42 12.72
CA TYR C 18 2.89 23.25 13.47
C TYR C 18 2.16 22.24 12.58
N VAL C 19 1.27 22.71 11.71
CA VAL C 19 0.53 21.86 10.77
C VAL C 19 1.51 21.22 9.77
N ASP C 20 2.63 21.91 9.53
CA ASP C 20 3.68 21.48 8.60
C ASP C 20 4.57 20.41 9.24
N ALA C 21 4.65 20.40 10.59
CA ALA C 21 5.62 19.60 11.30
C ALA C 21 5.08 18.17 11.49
N LYS C 22 4.71 17.55 10.37
CA LYS C 22 4.22 16.19 10.26
C LYS C 22 5.21 15.18 10.88
N LEU C 23 6.50 15.41 10.65
CA LEU C 23 7.56 14.51 11.04
C LEU C 23 8.21 14.96 12.35
N GLY C 24 7.71 16.03 12.95
CA GLY C 24 8.24 16.51 14.23
C GLY C 24 9.18 17.70 14.07
N PHE C 25 9.80 18.06 15.19
CA PHE C 25 10.59 19.24 15.31
C PHE C 25 12.06 18.84 15.44
N ARG C 26 12.84 19.17 14.40
CA ARG C 26 14.29 18.99 14.42
C ARG C 26 14.90 19.88 15.51
N ASN C 27 16.05 19.44 16.03
CA ASN C 27 16.94 20.22 16.89
C ASN C 27 16.40 20.28 18.32
N HIS C 28 15.85 19.14 18.76
CA HIS C 28 15.44 18.89 20.12
C HIS C 28 15.92 17.51 20.54
N TRP C 29 15.97 17.30 21.86
CA TRP C 29 16.20 15.98 22.44
C TRP C 29 14.88 15.19 22.48
N TYR C 30 14.97 13.87 22.28
CA TYR C 30 13.82 12.95 22.37
C TYR C 30 14.23 11.65 23.05
N PRO C 31 13.38 11.12 23.95
CA PRO C 31 13.59 9.80 24.51
C PRO C 31 13.12 8.71 23.55
N VAL C 32 13.93 7.66 23.38
CA VAL C 32 13.67 6.59 22.42
C VAL C 32 13.63 5.21 23.08
N MET C 33 14.29 5.04 24.24
CA MET C 33 14.35 3.77 24.92
C MET C 33 14.90 4.00 26.32
N PHE C 34 14.90 2.95 27.14
CA PHE C 34 15.45 2.98 28.50
C PHE C 34 16.87 2.42 28.46
N SER C 35 17.69 2.92 29.38
CA SER C 35 19.14 2.63 29.49
C SER C 35 19.41 1.14 29.53
N LYS C 36 18.60 0.45 30.33
CA LYS C 36 18.80 -0.96 30.54
C LYS C 36 18.34 -1.78 29.32
N GLU C 37 17.79 -1.16 28.27
CA GLU C 37 17.41 -1.93 27.08
C GLU C 37 18.59 -2.04 26.12
N ILE C 38 19.71 -1.36 26.43
CA ILE C 38 20.88 -1.38 25.55
C ILE C 38 22.15 -1.68 26.35
N ASN C 39 22.72 -2.85 26.06
CA ASN C 39 23.93 -3.34 26.66
C ASN C 39 25.13 -3.07 25.76
N GLU C 40 26.28 -3.09 26.45
CA GLU C 40 27.63 -2.94 25.94
C GLU C 40 27.76 -3.74 24.66
N GLY C 41 28.13 -3.06 23.57
CA GLY C 41 28.45 -3.71 22.31
C GLY C 41 27.24 -4.32 21.59
N GLU C 42 26.02 -4.07 22.06
CA GLU C 42 24.81 -4.69 21.48
C GLU C 42 23.93 -3.63 20.80
N PRO C 43 24.29 -3.18 19.59
CA PRO C 43 23.61 -2.06 18.94
C PRO C 43 22.11 -2.30 18.66
N LYS C 44 21.34 -1.22 18.74
CA LYS C 44 19.92 -1.21 18.51
C LYS C 44 19.61 -0.25 17.36
N THR C 45 18.68 -0.65 16.48
CA THR C 45 18.20 0.23 15.42
C THR C 45 16.83 0.81 15.80
N LEU C 46 16.55 2.03 15.32
CA LEU C 46 15.27 2.68 15.56
C LEU C 46 15.11 3.81 14.55
N LYS C 47 13.89 4.30 14.41
CA LYS C 47 13.54 5.38 13.53
C LYS C 47 13.02 6.55 14.36
N LEU C 48 13.62 7.73 14.17
CA LEU C 48 13.31 8.94 14.91
C LEU C 48 13.20 10.09 13.91
N LEU C 49 12.04 10.77 13.94
CA LEU C 49 11.71 11.81 13.04
C LEU C 49 11.95 11.37 11.58
N GLY C 50 11.66 10.09 11.31
CA GLY C 50 11.74 9.54 9.99
C GLY C 50 13.11 9.04 9.61
N GLU C 51 14.13 9.25 10.46
CA GLU C 51 15.50 8.76 10.17
C GLU C 51 15.78 7.48 10.94
N ASN C 52 16.35 6.50 10.23
CA ASN C 52 16.78 5.25 10.83
C ASN C 52 18.13 5.49 11.51
N LEU C 53 18.23 5.11 12.79
CA LEU C 53 19.39 5.41 13.65
C LEU C 53 19.95 4.12 14.26
N LEU C 54 21.28 4.06 14.41
CA LEU C 54 22.01 2.99 15.16
C LEU C 54 22.57 3.56 16.46
N VAL C 55 22.28 2.89 17.57
CA VAL C 55 22.76 3.25 18.88
C VAL C 55 23.59 2.09 19.41
N ASN C 56 24.80 2.37 19.90
CA ASN C 56 25.68 1.37 20.49
C ASN C 56 26.14 1.90 21.85
N ARG C 57 26.41 0.96 22.78
CA ARG C 57 27.01 1.28 24.07
C ARG C 57 28.45 0.79 24.03
N ILE C 58 29.40 1.73 24.15
CA ILE C 58 30.84 1.44 24.05
C ILE C 58 31.56 2.07 25.25
N ASP C 59 32.22 1.20 26.05
CA ASP C 59 32.83 1.59 27.31
C ASP C 59 31.82 2.40 28.14
N GLY C 60 30.57 1.93 28.16
CA GLY C 60 29.53 2.47 29.00
C GLY C 60 28.80 3.65 28.37
N LYS C 61 29.40 4.24 27.34
CA LYS C 61 28.90 5.50 26.77
C LYS C 61 28.08 5.18 25.51
N LEU C 62 27.02 5.96 25.27
CA LEU C 62 26.18 5.74 24.11
C LEU C 62 26.66 6.62 22.94
N TYR C 63 26.57 6.04 21.74
CA TYR C 63 26.84 6.75 20.49
C TYR C 63 25.74 6.45 19.45
N CYS C 64 25.44 7.45 18.63
CA CYS C 64 24.42 7.27 17.63
C CYS C 64 24.97 7.67 16.25
N LEU C 65 24.90 6.71 15.33
CA LEU C 65 25.19 6.89 13.88
C LEU C 65 23.89 6.79 13.08
N LYS C 66 23.79 7.55 11.99
CA LYS C 66 22.69 7.31 11.07
C LYS C 66 22.86 5.91 10.48
N ASP C 67 21.73 5.17 10.44
CA ASP C 67 21.66 3.77 9.97
C ASP C 67 21.37 3.79 8.45
N ARG C 68 22.30 4.39 7.70
CA ARG C 68 22.21 4.46 6.27
C ARG C 68 23.62 4.73 5.72
N CYS C 69 24.18 3.71 5.06
CA CYS C 69 25.54 3.80 4.52
C CYS C 69 25.59 4.93 3.49
N LEU C 70 26.71 5.65 3.47
CA LEU C 70 26.94 6.75 2.54
C LEU C 70 27.00 6.23 1.09
N HIS C 71 27.40 4.97 0.90
CA HIS C 71 27.74 4.41 -0.42
C HIS C 71 26.47 4.17 -1.25
N ARG C 72 25.71 3.10 -0.95
CA ARG C 72 24.43 2.76 -1.64
C ARG C 72 23.22 2.79 -0.67
N GLY C 73 23.37 3.44 0.49
CA GLY C 73 22.23 3.82 1.33
C GLY C 73 21.54 2.66 2.01
N VAL C 74 22.27 1.56 2.20
CA VAL C 74 21.70 0.43 2.91
C VAL C 74 21.79 0.70 4.42
N GLN C 75 20.86 0.12 5.18
CA GLN C 75 20.94 0.11 6.66
C GLN C 75 22.11 -0.80 7.06
N LEU C 76 23.00 -0.32 7.93
CA LEU C 76 24.13 -1.13 8.44
C LEU C 76 23.58 -2.26 9.32
N SER C 77 22.46 -1.99 9.99
CA SER C 77 21.80 -2.91 10.93
C SER C 77 21.35 -4.19 10.22
N VAL C 78 21.27 -4.20 8.88
CA VAL C 78 20.88 -5.43 8.17
C VAL C 78 21.85 -6.55 8.62
N LYS C 79 23.13 -6.19 8.76
CA LYS C 79 24.15 -7.09 9.23
C LYS C 79 25.27 -6.26 9.88
N VAL C 80 25.24 -6.19 11.20
CA VAL C 80 26.18 -5.35 11.95
C VAL C 80 27.53 -6.05 12.03
N GLU C 81 28.58 -5.34 11.61
CA GLU C 81 29.95 -5.78 11.65
C GLU C 81 30.76 -4.72 12.41
N CYS C 82 30.81 -4.88 13.73
CA CYS C 82 31.63 -4.06 14.58
C CYS C 82 32.92 -4.83 14.82
N LYS C 83 33.93 -4.54 14.02
CA LYS C 83 35.16 -5.33 13.99
C LYS C 83 36.18 -4.80 14.99
N THR C 84 36.08 -3.51 15.34
CA THR C 84 36.79 -2.95 16.49
C THR C 84 35.80 -2.23 17.40
N LYS C 85 36.28 -1.87 18.59
CA LYS C 85 35.49 -1.18 19.59
C LYS C 85 35.06 0.18 19.05
N SER C 86 35.97 0.87 18.34
CA SER C 86 35.71 2.24 17.92
C SER C 86 34.99 2.33 16.55
N THR C 87 34.74 1.22 15.86
CA THR C 87 34.20 1.35 14.49
C THR C 87 33.00 0.44 14.26
N ILE C 88 32.31 0.70 13.14
CA ILE C 88 31.37 -0.24 12.53
C ILE C 88 31.65 -0.34 11.02
N THR C 89 31.58 -1.57 10.52
CA THR C 89 31.92 -1.89 9.15
C THR C 89 30.62 -2.24 8.40
N CYS C 90 30.29 -1.44 7.37
CA CYS C 90 29.15 -1.78 6.48
C CYS C 90 29.32 -3.19 5.94
N TRP C 91 28.30 -4.01 6.10
CA TRP C 91 28.32 -5.39 5.61
C TRP C 91 28.49 -5.51 4.07
N TYR C 92 28.35 -4.41 3.31
CA TYR C 92 28.14 -4.52 1.86
C TYR C 92 29.50 -4.45 1.12
N HIS C 93 30.19 -3.32 1.21
CA HIS C 93 31.52 -3.09 0.63
C HIS C 93 32.52 -2.68 1.73
N ALA C 94 32.14 -2.88 2.99
CA ALA C 94 33.05 -2.74 4.13
C ALA C 94 33.56 -1.30 4.30
N TRP C 95 32.76 -0.30 3.93
CA TRP C 95 33.00 1.05 4.41
C TRP C 95 32.91 1.00 5.94
N THR C 96 33.90 1.63 6.60
CA THR C 96 34.08 1.52 8.05
C THR C 96 34.09 2.94 8.62
N TYR C 97 33.18 3.20 9.56
CA TYR C 97 32.95 4.53 10.11
C TYR C 97 33.28 4.53 11.61
N ARG C 98 33.75 5.66 12.14
CA ARG C 98 33.98 5.80 13.61
C ARG C 98 32.68 6.19 14.31
N TRP C 99 32.30 5.37 15.31
CA TRP C 99 31.15 5.67 16.17
C TRP C 99 31.26 7.09 16.73
N GLU C 100 32.48 7.54 17.04
CA GLU C 100 32.69 8.77 17.78
C GLU C 100 32.33 10.02 16.94
N ASP C 101 32.67 10.02 15.65
CA ASP C 101 32.53 11.24 14.83
C ASP C 101 31.96 10.96 13.42
N GLY C 102 31.62 9.70 13.13
CA GLY C 102 31.05 9.33 11.82
C GLY C 102 32.09 9.18 10.71
N VAL C 103 33.36 9.46 10.99
CA VAL C 103 34.38 9.57 9.95
C VAL C 103 34.61 8.21 9.28
N LEU C 104 34.47 8.22 7.96
CA LEU C 104 34.85 7.12 7.13
C LEU C 104 36.36 6.92 7.26
N CYS C 105 36.77 5.99 8.14
CA CYS C 105 38.17 5.86 8.50
C CYS C 105 38.86 4.75 7.69
N ASP C 106 38.07 3.85 7.09
CA ASP C 106 38.63 2.67 6.38
C ASP C 106 37.60 2.10 5.39
N ILE C 107 38.09 1.57 4.25
CA ILE C 107 37.30 0.70 3.38
C ILE C 107 38.08 -0.60 3.14
N LEU C 108 37.59 -1.70 3.73
CA LEU C 108 38.31 -2.96 3.72
C LEU C 108 38.44 -3.50 2.30
N THR C 109 37.49 -3.20 1.42
CA THR C 109 37.53 -3.68 0.03
C THR C 109 38.40 -2.78 -0.86
N ASN C 110 38.84 -1.62 -0.35
CA ASN C 110 39.75 -0.75 -1.10
C ASN C 110 40.55 0.14 -0.15
N PRO C 111 41.65 -0.40 0.46
CA PRO C 111 42.45 0.34 1.44
C PRO C 111 42.93 1.73 0.99
N THR C 112 43.08 1.91 -0.32
CA THR C 112 43.76 3.06 -0.92
C THR C 112 42.75 4.12 -1.38
N SER C 113 41.45 3.85 -1.19
CA SER C 113 40.36 4.71 -1.70
C SER C 113 40.51 6.16 -1.25
N ALA C 114 40.20 7.10 -2.15
CA ALA C 114 40.31 8.52 -1.88
C ALA C 114 39.10 9.03 -1.08
N GLN C 115 38.08 8.19 -0.89
CA GLN C 115 36.95 8.60 -0.04
C GLN C 115 37.40 8.57 1.42
N ILE C 116 38.30 7.62 1.75
CA ILE C 116 38.73 7.35 3.14
C ILE C 116 39.23 8.63 3.78
N GLY C 117 38.66 8.96 4.94
CA GLY C 117 39.02 10.14 5.69
C GLY C 117 38.36 11.40 5.15
N ARG C 118 37.62 11.31 4.04
CA ARG C 118 37.13 12.52 3.35
C ARG C 118 35.59 12.53 3.29
N GLN C 119 34.94 11.67 4.11
CA GLN C 119 33.47 11.56 4.21
C GLN C 119 33.09 11.26 5.67
N LYS C 120 31.88 11.69 6.06
CA LYS C 120 31.40 11.59 7.44
CA LYS C 120 31.41 11.58 7.44
C LYS C 120 29.94 11.12 7.44
N LEU C 121 29.69 9.95 8.02
CA LEU C 121 28.34 9.50 8.35
C LEU C 121 27.80 10.41 9.44
N LYS C 122 26.57 10.88 9.27
CA LYS C 122 25.93 11.72 10.23
C LYS C 122 25.81 10.98 11.57
N THR C 123 26.16 11.70 12.64
CA THR C 123 26.00 11.27 14.02
C THR C 123 25.04 12.21 14.75
N TYR C 124 24.50 11.71 15.86
CA TYR C 124 23.63 12.48 16.73
C TYR C 124 24.08 12.30 18.18
N PRO C 125 24.07 13.39 18.98
CA PRO C 125 24.38 13.27 20.41
C PRO C 125 23.35 12.36 21.08
N VAL C 126 23.81 11.56 22.03
CA VAL C 126 22.96 10.83 22.92
C VAL C 126 23.36 11.15 24.35
N GLN C 127 22.36 11.25 25.23
CA GLN C 127 22.56 11.46 26.65
C GLN C 127 21.60 10.54 27.40
N GLU C 128 22.09 9.95 28.50
CA GLU C 128 21.29 9.14 29.39
C GLU C 128 21.01 9.94 30.65
N ALA C 129 19.76 9.90 31.12
CA ALA C 129 19.30 10.66 32.30
C ALA C 129 18.05 9.97 32.86
N LYS C 130 18.07 9.65 34.15
CA LYS C 130 16.91 9.04 34.82
C LYS C 130 16.56 7.70 34.16
N GLY C 131 17.58 7.00 33.64
CA GLY C 131 17.47 5.67 33.07
C GLY C 131 16.82 5.67 31.70
N CYS C 132 16.80 6.85 31.06
CA CYS C 132 16.15 7.15 29.81
C CYS C 132 17.20 7.56 28.79
N VAL C 133 17.11 7.01 27.57
CA VAL C 133 18.02 7.38 26.52
C VAL C 133 17.37 8.46 25.64
N PHE C 134 18.01 9.64 25.62
CA PHE C 134 17.64 10.78 24.78
C PHE C 134 18.64 10.93 23.63
N ILE C 135 18.10 11.18 22.44
CA ILE C 135 18.89 11.48 21.26
C ILE C 135 18.56 12.91 20.86
N TYR C 136 19.60 13.70 20.57
CA TYR C 136 19.40 15.02 20.00
C TYR C 136 19.34 14.90 18.47
N LEU C 137 18.12 14.82 17.94
CA LEU C 137 17.89 14.76 16.49
C LEU C 137 17.95 16.19 15.94
N GLY C 138 19.17 16.67 15.80
CA GLY C 138 19.41 17.96 15.22
C GLY C 138 20.87 18.13 14.87
N ASP C 139 21.21 19.36 14.48
CA ASP C 139 22.52 19.66 13.87
C ASP C 139 23.32 20.54 14.82
N GLY C 140 24.60 20.22 14.97
CA GLY C 140 25.52 20.99 15.75
C GLY C 140 25.51 20.59 17.22
N ASP C 141 26.27 21.37 18.00
CA ASP C 141 26.41 21.12 19.42
CA ASP C 141 26.42 21.23 19.43
C ASP C 141 25.03 21.26 20.07
N PRO C 142 24.62 20.26 20.88
CA PRO C 142 23.29 20.28 21.47
C PRO C 142 23.17 21.21 22.68
N PRO C 143 21.94 21.70 22.96
CA PRO C 143 21.66 22.44 24.18
C PRO C 143 21.60 21.48 25.37
N PRO C 144 21.36 21.98 26.60
CA PRO C 144 21.20 21.11 27.76
C PRO C 144 19.92 20.28 27.55
N LEU C 145 19.94 19.05 28.06
CA LEU C 145 18.77 18.18 28.06
C LEU C 145 17.59 18.93 28.70
N ALA C 146 17.91 19.68 29.75
CA ALA C 146 16.94 20.32 30.61
C ALA C 146 15.96 21.19 29.82
N ARG C 147 16.45 21.81 28.74
CA ARG C 147 15.62 22.69 27.92
C ARG C 147 14.39 21.92 27.38
N ASP C 148 14.58 20.64 27.04
CA ASP C 148 13.56 19.85 26.33
C ASP C 148 12.85 18.85 27.27
N THR C 149 13.02 19.02 28.58
CA THR C 149 12.36 18.21 29.59
C THR C 149 11.46 19.10 30.42
N PRO C 150 10.33 18.58 30.93
CA PRO C 150 9.47 19.35 31.83
C PRO C 150 10.13 19.66 33.17
N PRO C 151 9.64 20.71 33.87
CA PRO C 151 10.01 20.97 35.26
C PRO C 151 9.92 19.70 36.13
N ASN C 152 11.04 19.42 36.82
CA ASN C 152 11.17 18.50 37.94
C ASN C 152 11.63 17.13 37.46
N PHE C 153 11.53 16.84 36.15
CA PHE C 153 11.94 15.53 35.61
C PHE C 153 13.38 15.21 36.01
N LEU C 154 14.25 16.22 36.02
CA LEU C 154 15.68 16.02 36.26
C LEU C 154 16.03 16.31 37.73
N ASP C 155 15.04 16.57 38.60
CA ASP C 155 15.32 16.82 40.03
C ASP C 155 16.14 15.66 40.59
N ASP C 156 17.10 15.99 41.46
CA ASP C 156 18.06 15.04 41.98
C ASP C 156 17.36 13.82 42.57
N ASP C 157 16.29 14.06 43.35
CA ASP C 157 15.63 13.05 44.17
C ASP C 157 14.53 12.29 43.39
N MET C 158 14.13 12.80 42.23
CA MET C 158 13.04 12.24 41.43
C MET C 158 13.46 10.90 40.80
N GLU C 159 12.80 9.83 41.22
CA GLU C 159 12.98 8.50 40.65
C GLU C 159 12.00 8.33 39.49
N ILE C 160 12.53 7.89 38.33
CA ILE C 160 11.77 7.76 37.10
C ILE C 160 11.63 6.28 36.74
N LEU C 161 10.37 5.84 36.59
CA LEU C 161 10.07 4.52 36.05
C LEU C 161 9.08 4.69 34.90
N GLY C 162 9.22 3.90 33.84
CA GLY C 162 8.38 4.14 32.67
C GLY C 162 8.02 2.90 31.88
N LYS C 163 7.35 3.17 30.76
CA LYS C 163 6.98 2.21 29.77
C LYS C 163 7.02 2.88 28.40
N ASN C 164 7.36 2.09 27.37
CA ASN C 164 7.50 2.62 26.01
C ASN C 164 6.79 1.67 25.06
N GLN C 165 6.03 2.24 24.12
CA GLN C 165 5.44 1.46 23.02
C GLN C 165 5.28 2.35 21.78
N ILE C 166 5.08 1.68 20.64
CA ILE C 166 4.90 2.30 19.35
C ILE C 166 3.40 2.36 19.09
N ILE C 167 2.89 3.56 18.85
CA ILE C 167 1.47 3.80 18.62
C ILE C 167 1.30 4.32 17.19
N LYS C 168 0.30 3.80 16.48
CA LYS C 168 0.02 4.15 15.08
C LYS C 168 -0.88 5.40 15.03
N SER C 169 -0.32 6.54 15.39
CA SER C 169 -0.89 7.84 15.06
C SER C 169 0.25 8.85 14.96
N ASN C 170 -0.04 9.93 14.24
CA ASN C 170 0.86 11.05 14.22
C ASN C 170 1.05 11.55 15.66
N TRP C 171 2.27 12.02 15.95
CA TRP C 171 2.67 12.45 17.29
C TRP C 171 1.74 13.56 17.82
N ARG C 172 1.30 14.47 16.94
CA ARG C 172 0.53 15.65 17.35
C ARG C 172 -0.87 15.28 17.84
N LEU C 173 -1.43 14.19 17.32
CA LEU C 173 -2.74 13.75 17.76
C LEU C 173 -2.63 13.23 19.20
N ALA C 174 -1.45 12.66 19.49
CA ALA C 174 -1.11 12.20 20.82
C ALA C 174 -0.99 13.39 21.77
N VAL C 175 -0.20 14.41 21.38
CA VAL C 175 0.03 15.58 22.18
C VAL C 175 -1.31 16.21 22.54
N GLU C 176 -2.12 16.50 21.52
CA GLU C 176 -3.31 17.30 21.71
C GLU C 176 -4.32 16.53 22.58
N ASN C 177 -4.38 15.20 22.42
CA ASN C 177 -5.23 14.35 23.25
C ASN C 177 -4.83 14.49 24.73
N GLY C 178 -3.54 14.39 24.97
CA GLY C 178 -2.95 14.56 26.26
C GLY C 178 -3.27 15.89 26.93
N PHE C 179 -3.13 17.01 26.20
CA PHE C 179 -3.24 18.34 26.79
C PHE C 179 -4.68 18.85 26.72
N ASP C 180 -5.59 18.03 26.20
CA ASP C 180 -7.01 18.34 25.99
C ASP C 180 -7.75 18.29 27.32
N PRO C 181 -8.28 19.42 27.85
CA PRO C 181 -8.98 19.40 29.15
C PRO C 181 -10.32 18.66 29.19
N SER C 182 -11.03 18.58 28.07
CA SER C 182 -12.35 17.96 28.00
C SER C 182 -12.27 16.45 27.71
N HIS C 183 -11.09 15.95 27.31
CA HIS C 183 -10.95 14.58 26.87
C HIS C 183 -11.03 13.61 28.06
N ILE C 184 -10.87 14.13 29.28
CA ILE C 184 -11.01 13.33 30.49
C ILE C 184 -12.36 12.62 30.50
N TYR C 185 -13.31 13.05 29.66
CA TYR C 185 -14.59 12.34 29.48
C TYR C 185 -14.34 10.87 29.15
N ILE C 186 -13.28 10.57 28.38
CA ILE C 186 -13.00 9.17 27.92
C ILE C 186 -12.56 8.28 29.10
N HIS C 187 -12.12 8.88 30.20
CA HIS C 187 -11.49 8.16 31.33
C HIS C 187 -12.50 7.92 32.47
N LYS C 188 -13.77 8.23 32.24
CA LYS C 188 -14.77 8.28 33.30
C LYS C 188 -15.10 6.88 33.85
N ASP C 189 -14.83 5.82 33.07
CA ASP C 189 -15.09 4.44 33.56
C ASP C 189 -13.76 3.73 33.84
N SER C 190 -12.68 4.49 33.96
CA SER C 190 -11.37 3.92 34.15
C SER C 190 -11.30 3.17 35.50
N ILE C 191 -10.47 2.13 35.48
CA ILE C 191 -10.19 1.27 36.61
C ILE C 191 -9.41 2.08 37.66
N LEU C 192 -8.51 2.95 37.20
CA LEU C 192 -7.76 3.79 38.11
C LEU C 192 -8.72 4.73 38.87
N VAL C 193 -9.71 5.27 38.16
CA VAL C 193 -10.62 6.27 38.75
C VAL C 193 -11.43 5.65 39.89
N LYS C 194 -12.01 4.46 39.65
CA LYS C 194 -12.84 3.75 40.62
C LYS C 194 -11.97 3.26 41.78
N ASP C 195 -10.99 2.40 41.47
CA ASP C 195 -10.24 1.66 42.48
C ASP C 195 -9.28 2.56 43.26
N ASN C 196 -8.91 3.73 42.73
CA ASN C 196 -8.01 4.62 43.46
C ASN C 196 -8.73 5.93 43.84
N ASP C 197 -10.07 5.88 43.77
CA ASP C 197 -10.95 6.89 44.36
C ASP C 197 -10.56 8.29 43.90
N LEU C 198 -10.25 8.45 42.60
CA LEU C 198 -9.88 9.76 42.08
C LEU C 198 -11.14 10.64 42.03
N ALA C 199 -10.94 11.93 42.29
CA ALA C 199 -11.90 12.93 41.92
C ALA C 199 -11.67 13.24 40.44
N LEU C 200 -12.67 12.96 39.60
CA LEU C 200 -12.54 13.22 38.18
C LEU C 200 -13.83 13.82 37.65
N PRO C 201 -13.80 15.06 37.16
CA PRO C 201 -14.98 15.63 36.53
C PRO C 201 -15.11 15.06 35.10
N LEU C 202 -16.26 15.29 34.49
CA LEU C 202 -16.48 14.96 33.08
C LEU C 202 -15.81 16.02 32.20
N GLY C 203 -15.65 17.24 32.76
CA GLY C 203 -15.05 18.39 32.09
C GLY C 203 -15.29 19.68 32.87
N PHE C 204 -15.09 20.83 32.20
CA PHE C 204 -15.15 22.16 32.81
C PHE C 204 -15.93 23.15 31.92
N ALA C 205 -16.82 23.93 32.56
CA ALA C 205 -17.42 25.10 31.93
C ALA C 205 -16.51 26.30 32.19
N PRO C 206 -15.75 26.81 31.18
CA PRO C 206 -14.66 27.75 31.43
C PRO C 206 -15.15 29.08 32.03
N GLY C 207 -14.22 29.78 32.66
CA GLY C 207 -14.47 31.11 33.22
C GLY C 207 -13.35 32.06 32.84
N GLY C 208 -13.66 33.36 32.86
CA GLY C 208 -12.69 34.40 32.56
C GLY C 208 -12.44 34.53 31.07
N ASP C 209 -11.59 35.50 30.72
CA ASP C 209 -11.21 35.79 29.35
C ASP C 209 -10.33 34.64 28.86
N ARG C 210 -10.01 34.68 27.57
CA ARG C 210 -9.26 33.60 26.91
C ARG C 210 -7.84 33.53 27.48
N LYS C 211 -7.28 34.68 27.88
CA LYS C 211 -5.90 34.81 28.42
C LYS C 211 -5.73 34.11 29.79
N GLN C 212 -6.83 33.84 30.49
CA GLN C 212 -6.80 33.22 31.82
C GLN C 212 -6.89 31.68 31.73
N GLN C 213 -7.25 31.16 30.54
CA GLN C 213 -7.35 29.70 30.32
C GLN C 213 -5.96 29.06 30.47
N THR C 214 -4.92 29.72 29.93
CA THR C 214 -3.58 29.15 29.91
C THR C 214 -2.56 30.15 30.46
N ARG C 215 -1.38 29.63 30.81
CA ARG C 215 -0.23 30.44 31.06
C ARG C 215 0.91 29.89 30.21
N VAL C 216 1.26 30.65 29.19
CA VAL C 216 2.38 30.35 28.36
C VAL C 216 3.64 30.63 29.19
N VAL C 217 4.55 29.67 29.13
CA VAL C 217 5.83 29.74 29.75
C VAL C 217 6.84 29.77 28.59
N ASP C 218 7.20 30.98 28.16
CA ASP C 218 8.28 31.18 27.19
C ASP C 218 9.53 31.70 27.91
N ASP C 219 9.44 31.76 29.25
CA ASP C 219 10.26 32.63 30.10
C ASP C 219 11.12 31.81 31.07
N ASP C 220 11.30 30.51 30.79
CA ASP C 220 12.01 29.63 31.70
C ASP C 220 13.50 29.90 31.55
N VAL C 221 14.25 29.71 32.65
CA VAL C 221 15.65 30.15 32.78
C VAL C 221 16.60 29.20 32.03
N VAL C 222 16.22 27.92 31.86
CA VAL C 222 16.99 26.94 31.07
C VAL C 222 16.43 26.87 29.64
N GLY C 223 15.37 27.64 29.35
CA GLY C 223 14.89 27.83 28.00
C GLY C 223 13.77 26.88 27.61
N ARG C 224 13.12 26.25 28.59
CA ARG C 224 11.91 25.46 28.32
C ARG C 224 10.81 26.34 27.72
N LYS C 225 9.95 25.72 26.91
CA LYS C 225 8.78 26.34 26.30
C LYS C 225 7.59 25.40 26.49
N GLY C 226 6.55 25.91 27.16
CA GLY C 226 5.38 25.13 27.44
C GLY C 226 4.19 25.99 27.76
N VAL C 227 3.04 25.32 27.91
CA VAL C 227 1.77 25.93 28.20
C VAL C 227 1.16 25.17 29.36
N TYR C 228 0.76 25.92 30.41
CA TYR C 228 0.00 25.38 31.53
C TYR C 228 -1.47 25.57 31.21
N ASP C 229 -2.29 24.55 31.51
CA ASP C 229 -3.74 24.65 31.33
C ASP C 229 -4.38 25.03 32.66
N LEU C 230 -5.05 26.21 32.68
CA LEU C 230 -5.64 26.80 33.89
C LEU C 230 -7.17 26.85 33.79
N ILE C 231 -7.79 25.95 33.01
CA ILE C 231 -9.24 25.90 32.88
C ILE C 231 -9.90 25.65 34.25
N GLY C 232 -9.21 24.90 35.14
CA GLY C 232 -9.66 24.63 36.50
C GLY C 232 -9.75 25.90 37.35
N GLU C 233 -8.83 26.84 37.12
CA GLU C 233 -8.72 28.09 37.88
C GLU C 233 -10.08 28.80 37.97
N HIS C 234 -10.64 29.18 36.81
CA HIS C 234 -11.89 29.97 36.76
C HIS C 234 -13.09 29.09 36.39
N GLY C 235 -12.84 27.83 36.01
CA GLY C 235 -13.86 26.96 35.46
C GLY C 235 -14.70 26.30 36.55
N VAL C 236 -15.90 25.87 36.17
CA VAL C 236 -16.81 25.12 37.02
C VAL C 236 -16.74 23.66 36.60
N PRO C 237 -16.33 22.71 37.48
CA PRO C 237 -16.23 21.31 37.08
C PRO C 237 -17.63 20.75 36.77
N VAL C 238 -17.71 19.86 35.78
CA VAL C 238 -18.94 19.18 35.45
C VAL C 238 -18.90 17.80 36.11
N PHE C 239 -19.80 17.59 37.09
CA PHE C 239 -19.90 16.34 37.82
C PHE C 239 -21.27 15.70 37.52
N GLU C 240 -22.18 16.48 36.94
CA GLU C 240 -23.52 16.03 36.59
C GLU C 240 -23.78 16.46 35.14
N GLY C 241 -23.68 15.51 34.21
CA GLY C 241 -23.78 15.76 32.79
C GLY C 241 -25.21 15.58 32.33
N THR C 242 -25.69 16.54 31.52
CA THR C 242 -27.10 16.68 31.31
C THR C 242 -27.43 16.76 29.82
N ILE C 243 -28.60 16.23 29.47
CA ILE C 243 -29.17 16.27 28.13
C ILE C 243 -30.65 16.67 28.26
N GLY C 244 -31.00 17.81 27.67
CA GLY C 244 -32.33 18.41 27.85
C GLY C 244 -32.59 18.72 29.32
N GLY C 245 -31.53 19.03 30.06
CA GLY C 245 -31.60 19.38 31.49
C GLY C 245 -31.83 18.18 32.41
N GLU C 246 -31.73 16.96 31.89
CA GLU C 246 -31.85 15.73 32.66
C GLU C 246 -30.44 15.15 32.86
N VAL C 247 -30.16 14.62 34.06
CA VAL C 247 -28.83 14.12 34.38
C VAL C 247 -28.71 12.69 33.84
N VAL C 248 -27.70 12.44 33.00
CA VAL C 248 -27.56 11.14 32.34
C VAL C 248 -26.20 10.51 32.66
N ARG C 249 -25.28 11.25 33.28
CA ARG C 249 -23.97 10.74 33.63
C ARG C 249 -23.31 11.64 34.69
N GLU C 250 -22.68 11.01 35.67
CA GLU C 250 -22.00 11.74 36.74
C GLU C 250 -20.51 11.48 36.63
N GLY C 251 -19.69 12.48 36.95
CA GLY C 251 -18.25 12.29 37.12
C GLY C 251 -18.00 11.43 38.33
N ALA C 252 -16.73 11.22 38.69
CA ALA C 252 -16.32 10.42 39.83
C ALA C 252 -16.05 11.31 41.06
N TYR C 253 -16.78 11.04 42.14
CA TYR C 253 -16.72 11.80 43.40
C TYR C 253 -15.76 11.14 44.39
N GLY C 254 -14.53 10.85 43.97
CA GLY C 254 -13.50 10.28 44.83
C GLY C 254 -12.88 11.31 45.76
N GLU C 255 -12.01 10.83 46.65
CA GLU C 255 -11.40 11.66 47.70
C GLU C 255 -10.02 12.15 47.29
N LYS C 256 -9.35 11.45 46.37
CA LYS C 256 -7.99 11.78 45.92
C LYS C 256 -8.03 12.86 44.83
N ILE C 257 -7.30 13.95 45.06
CA ILE C 257 -7.23 15.07 44.13
C ILE C 257 -5.95 14.96 43.30
N VAL C 258 -6.10 14.89 41.98
CA VAL C 258 -4.99 14.71 41.04
C VAL C 258 -5.14 15.73 39.91
N ALA C 259 -4.06 15.89 39.13
CA ALA C 259 -4.04 16.74 37.94
C ALA C 259 -4.34 18.19 38.30
N ASN C 260 -3.75 18.66 39.40
CA ASN C 260 -3.73 20.09 39.77
C ASN C 260 -3.09 20.89 38.63
N ASP C 261 -1.87 20.51 38.22
CA ASP C 261 -1.25 21.15 37.08
C ASP C 261 -1.04 20.14 35.95
N ILE C 262 -1.38 20.64 34.76
CA ILE C 262 -1.24 19.99 33.49
C ILE C 262 -0.51 20.97 32.58
N SER C 263 0.61 20.52 32.00
CA SER C 263 1.38 21.35 31.08
C SER C 263 1.99 20.51 29.95
N ILE C 264 2.16 21.16 28.81
CA ILE C 264 2.75 20.60 27.63
C ILE C 264 3.98 21.43 27.26
N TRP C 265 5.09 20.76 26.94
CA TRP C 265 6.36 21.41 26.63
C TRP C 265 6.89 20.89 25.29
N LEU C 266 7.61 21.76 24.59
CA LEU C 266 8.36 21.36 23.43
C LEU C 266 9.44 20.41 23.92
N PRO C 267 9.77 19.38 23.11
CA PRO C 267 9.26 19.18 21.76
C PRO C 267 7.91 18.44 21.67
N GLY C 268 7.42 17.98 22.83
CA GLY C 268 6.12 17.37 22.92
C GLY C 268 6.08 16.38 24.05
N VAL C 269 6.06 16.93 25.29
CA VAL C 269 6.03 16.15 26.53
C VAL C 269 5.04 16.79 27.50
N LEU C 270 4.06 15.98 27.94
CA LEU C 270 3.04 16.36 28.89
C LEU C 270 3.55 16.07 30.31
N LYS C 271 3.20 16.95 31.24
CA LYS C 271 3.41 16.73 32.65
C LYS C 271 2.07 16.94 33.36
N VAL C 272 1.67 15.94 34.14
CA VAL C 272 0.45 15.99 34.93
C VAL C 272 0.85 15.80 36.40
N ASN C 273 0.44 16.74 37.25
CA ASN C 273 0.87 16.74 38.65
C ASN C 273 -0.30 17.12 39.56
N PRO C 274 -0.63 16.27 40.54
CA PRO C 274 -0.01 14.97 40.73
C PRO C 274 -0.80 13.89 39.98
N PHE C 275 -0.14 12.78 39.68
CA PHE C 275 -0.78 11.69 38.97
C PHE C 275 0.18 10.52 38.87
N PRO C 276 -0.32 9.29 38.94
CA PRO C 276 -1.70 8.90 39.19
C PRO C 276 -2.16 8.93 40.66
N ASN C 277 -1.27 9.42 41.54
CA ASN C 277 -1.45 9.46 42.97
C ASN C 277 -0.82 10.75 43.46
N PRO C 278 -1.25 11.32 44.61
CA PRO C 278 -0.73 12.60 45.12
C PRO C 278 0.77 12.64 45.42
N ASP C 279 1.38 11.46 45.60
CA ASP C 279 2.81 11.26 45.78
C ASP C 279 3.52 10.90 44.46
N MET C 280 3.02 11.36 43.30
CA MET C 280 3.70 11.09 42.02
C MET C 280 3.32 12.15 40.98
N MET C 281 4.17 12.27 39.95
CA MET C 281 3.88 13.00 38.70
C MET C 281 4.05 12.05 37.49
N GLN C 282 3.30 12.32 36.41
CA GLN C 282 3.42 11.58 35.14
C GLN C 282 4.08 12.49 34.09
N PHE C 283 5.17 12.01 33.50
CA PHE C 283 5.79 12.72 32.37
C PHE C 283 5.73 11.80 31.14
N GLU C 284 5.09 12.25 30.06
CA GLU C 284 4.94 11.39 28.89
C GLU C 284 5.21 12.19 27.61
N TRP C 285 6.05 11.58 26.76
CA TRP C 285 6.47 12.07 25.49
C TRP C 285 5.70 11.36 24.37
N TYR C 286 5.42 12.09 23.31
CA TYR C 286 4.90 11.57 22.08
C TYR C 286 5.94 11.88 20.97
N VAL C 287 6.85 10.92 20.75
CA VAL C 287 8.01 11.09 19.94
C VAL C 287 7.68 10.70 18.50
N PRO C 288 7.97 11.57 17.50
CA PRO C 288 7.74 11.21 16.11
C PRO C 288 8.67 10.08 15.61
N ILE C 289 8.09 8.99 15.09
CA ILE C 289 8.84 7.93 14.41
C ILE C 289 8.81 8.24 12.90
N ASP C 290 7.61 8.50 12.40
CA ASP C 290 7.36 8.94 11.06
C ASP C 290 6.02 9.69 11.10
N GLU C 291 5.44 9.95 9.93
CA GLU C 291 4.20 10.75 9.78
C GLU C 291 2.99 10.06 10.45
N ASN C 292 3.04 8.74 10.56
CA ASN C 292 1.90 7.94 11.02
C ASN C 292 2.13 7.32 12.42
N THR C 293 3.32 7.45 12.99
CA THR C 293 3.75 6.61 14.12
C THR C 293 4.47 7.47 15.16
N HIS C 294 4.34 7.09 16.44
CA HIS C 294 5.08 7.69 17.55
C HIS C 294 5.41 6.65 18.62
N TYR C 295 6.53 6.88 19.32
CA TYR C 295 6.76 6.26 20.61
C TYR C 295 5.91 6.97 21.65
N TYR C 296 5.16 6.18 22.40
CA TYR C 296 4.44 6.69 23.55
C TYR C 296 5.31 6.37 24.76
N PHE C 297 6.07 7.37 25.21
CA PHE C 297 7.14 7.18 26.17
C PHE C 297 6.62 7.71 27.51
N GLN C 298 6.04 6.80 28.30
CA GLN C 298 5.43 7.12 29.58
C GLN C 298 6.46 6.99 30.71
N THR C 299 6.48 7.98 31.61
CA THR C 299 7.27 7.91 32.83
C THR C 299 6.44 8.38 34.02
N LEU C 300 6.67 7.70 35.15
CA LEU C 300 6.14 8.16 36.42
C LEU C 300 7.33 8.53 37.30
N GLY C 301 7.21 9.69 37.94
CA GLY C 301 8.18 10.25 38.82
C GLY C 301 7.65 10.31 40.25
N LYS C 302 8.47 9.83 41.19
CA LYS C 302 8.25 10.04 42.61
C LYS C 302 9.57 10.44 43.28
N PRO C 303 9.59 11.57 44.03
CA PRO C 303 10.75 11.90 44.87
C PRO C 303 11.05 10.80 45.90
N CYS C 304 12.32 10.38 45.94
CA CYS C 304 12.83 9.37 46.85
C CYS C 304 14.15 9.88 47.47
N ALA C 305 14.30 9.72 48.80
CA ALA C 305 15.53 10.14 49.51
C ALA C 305 16.51 8.96 49.60
N ASN C 306 16.00 7.81 50.06
CA ASN C 306 16.80 6.62 50.38
C ASN C 306 16.39 5.44 49.49
N ASP C 307 17.26 4.41 49.49
CA ASP C 307 17.14 3.22 48.66
C ASP C 307 15.86 2.46 48.98
N GLU C 308 15.49 2.42 50.26
CA GLU C 308 14.29 1.72 50.69
C GLU C 308 13.06 2.41 50.09
N GLU C 309 13.17 3.74 49.92
CA GLU C 309 12.12 4.54 49.29
C GLU C 309 12.07 4.14 47.82
N ARG C 310 13.23 4.22 47.16
CA ARG C 310 13.43 3.83 45.75
C ARG C 310 12.84 2.45 45.48
N LYS C 311 13.25 1.46 46.29
CA LYS C 311 12.90 0.07 46.05
C LYS C 311 11.42 -0.16 46.36
N LYS C 312 10.86 0.61 47.29
CA LYS C 312 9.45 0.54 47.61
C LYS C 312 8.66 1.07 46.41
N TYR C 313 9.11 2.20 45.83
CA TYR C 313 8.44 2.81 44.66
C TYR C 313 8.48 1.82 43.48
N GLU C 314 9.68 1.29 43.19
CA GLU C 314 9.89 0.27 42.13
C GLU C 314 8.80 -0.81 42.22
N GLN C 315 8.50 -1.23 43.46
CA GLN C 315 7.56 -2.32 43.73
C GLN C 315 6.12 -1.84 43.53
N GLU C 316 5.78 -0.64 44.02
CA GLU C 316 4.43 -0.06 43.83
C GLU C 316 4.18 0.16 42.33
N PHE C 317 5.21 0.61 41.58
CA PHE C 317 5.14 0.85 40.15
C PHE C 317 4.73 -0.43 39.43
N GLU C 318 5.43 -1.53 39.71
CA GLU C 318 5.17 -2.81 39.05
C GLU C 318 3.84 -3.43 39.49
N SER C 319 3.44 -3.30 40.77
CA SER C 319 2.19 -3.97 41.26
C SER C 319 0.94 -3.12 40.97
N LYS C 320 1.02 -1.78 41.13
CA LYS C 320 -0.16 -0.91 41.00
C LYS C 320 -0.06 -0.02 39.73
N TRP C 321 0.92 0.88 39.68
CA TRP C 321 0.84 2.06 38.79
C TRP C 321 0.99 1.71 37.30
N LYS C 322 1.93 0.85 36.95
CA LYS C 322 2.13 0.53 35.54
C LYS C 322 0.85 -0.09 34.99
N PRO C 323 0.32 -1.21 35.55
CA PRO C 323 -0.86 -1.87 35.01
C PRO C 323 -2.21 -1.14 35.17
N MET C 324 -2.39 -0.41 36.28
CA MET C 324 -3.65 0.24 36.60
C MET C 324 -3.68 1.67 36.00
N ALA C 325 -2.52 2.32 35.90
CA ALA C 325 -2.42 3.69 35.34
C ALA C 325 -1.86 3.65 33.91
N LEU C 326 -0.60 3.25 33.75
CA LEU C 326 0.06 3.43 32.42
C LEU C 326 -0.67 2.62 31.36
N GLU C 327 -1.29 1.52 31.77
CA GLU C 327 -2.05 0.69 30.87
C GLU C 327 -3.54 1.03 31.11
N GLY C 328 -4.03 0.67 32.29
CA GLY C 328 -5.44 0.78 32.59
C GLY C 328 -5.99 2.08 32.06
N PHE C 329 -5.53 3.18 32.71
CA PHE C 329 -5.99 4.52 32.43
C PHE C 329 -5.66 4.93 30.98
N ASN C 330 -4.39 4.82 30.58
CA ASN C 330 -3.90 5.48 29.35
C ASN C 330 -4.27 4.69 28.08
N ASN C 331 -4.76 3.44 28.22
CA ASN C 331 -5.14 2.64 27.05
C ASN C 331 -6.24 3.38 26.25
N ASP C 332 -7.14 4.04 26.97
CA ASP C 332 -8.18 4.84 26.32
C ASP C 332 -7.58 5.99 25.50
N ASP C 333 -6.43 6.53 25.92
CA ASP C 333 -5.77 7.63 25.21
C ASP C 333 -5.26 7.11 23.86
N ILE C 334 -4.79 5.86 23.87
CA ILE C 334 -4.29 5.18 22.69
C ILE C 334 -5.39 5.07 21.63
N TRP C 335 -6.57 4.54 22.02
CA TRP C 335 -7.75 4.38 21.13
C TRP C 335 -8.20 5.76 20.59
N ALA C 336 -8.14 6.79 21.44
CA ALA C 336 -8.59 8.12 21.08
C ALA C 336 -7.68 8.73 19.99
N ARG C 337 -6.37 8.55 20.14
CA ARG C 337 -5.39 9.00 19.19
C ARG C 337 -5.65 8.38 17.83
N GLU C 338 -5.78 7.04 17.83
CA GLU C 338 -6.03 6.22 16.64
C GLU C 338 -7.29 6.70 15.91
N ALA C 339 -8.33 7.06 16.68
CA ALA C 339 -9.65 7.46 16.15
C ALA C 339 -9.58 8.81 15.44
N MET C 340 -8.53 9.60 15.68
CA MET C 340 -8.41 10.91 15.00
C MET C 340 -7.63 10.76 13.68
N VAL C 341 -7.07 9.58 13.41
CA VAL C 341 -6.10 9.41 12.30
C VAL C 341 -6.77 9.78 10.96
N ASP C 342 -7.97 9.26 10.73
CA ASP C 342 -8.62 9.37 9.44
C ASP C 342 -8.85 10.85 9.08
N PHE C 343 -9.34 11.63 10.05
CA PHE C 343 -9.74 13.03 9.85
C PHE C 343 -8.53 13.92 9.60
N TYR C 344 -7.35 13.56 10.14
CA TYR C 344 -6.15 14.34 9.89
C TYR C 344 -5.21 13.69 8.85
N ALA C 345 -5.60 12.56 8.27
CA ALA C 345 -4.71 11.75 7.38
C ALA C 345 -4.30 12.53 6.12
N ASP C 346 -5.20 13.36 5.60
CA ASP C 346 -4.97 14.07 4.34
C ASP C 346 -4.58 15.52 4.62
N ASP C 347 -4.42 15.87 5.91
CA ASP C 347 -4.05 17.20 6.38
C ASP C 347 -5.24 18.15 6.34
N LYS C 348 -6.44 17.67 5.97
CA LYS C 348 -7.62 18.55 5.84
C LYS C 348 -8.25 18.78 7.22
N GLY C 349 -8.07 17.81 8.14
CA GLY C 349 -8.63 17.91 9.48
C GLY C 349 -8.27 19.20 10.17
N TRP C 350 -7.06 19.70 9.91
CA TRP C 350 -6.60 20.93 10.52
C TRP C 350 -7.51 22.13 10.14
N VAL C 351 -8.19 22.08 9.00
CA VAL C 351 -9.04 23.24 8.58
C VAL C 351 -10.54 22.95 8.83
N ASN C 352 -10.97 21.68 8.79
CA ASN C 352 -12.41 21.35 8.89
C ASN C 352 -12.82 21.05 10.34
N GLU C 353 -11.88 20.98 11.27
CA GLU C 353 -12.21 20.78 12.70
C GLU C 353 -13.10 21.92 13.17
N ILE C 354 -13.98 21.65 14.14
CA ILE C 354 -14.72 22.71 14.80
C ILE C 354 -14.40 22.66 16.30
N LEU C 355 -13.54 23.56 16.73
CA LEU C 355 -13.09 23.66 18.11
C LEU C 355 -14.19 24.35 18.95
N PHE C 356 -14.09 24.16 20.27
CA PHE C 356 -14.93 24.84 21.26
C PHE C 356 -14.03 25.32 22.41
N GLU C 357 -14.63 25.90 23.45
CA GLU C 357 -13.90 26.83 24.35
C GLU C 357 -12.69 26.12 25.00
N SER C 358 -12.89 24.89 25.47
CA SER C 358 -11.84 24.17 26.19
C SER C 358 -10.62 23.84 25.32
N ASP C 359 -10.72 24.00 23.98
CA ASP C 359 -9.58 23.77 23.06
C ASP C 359 -8.62 24.98 23.03
N GLU C 360 -8.95 26.07 23.75
CA GLU C 360 -8.05 27.24 23.90
C GLU C 360 -6.63 26.79 24.24
N ALA C 361 -6.52 25.87 25.20
CA ALA C 361 -5.27 25.24 25.63
C ALA C 361 -4.53 24.64 24.42
N ILE C 362 -5.22 23.79 23.66
CA ILE C 362 -4.65 23.19 22.47
C ILE C 362 -4.15 24.29 21.52
N VAL C 363 -4.97 25.31 21.24
CA VAL C 363 -4.57 26.39 20.35
C VAL C 363 -3.30 27.10 20.86
N ALA C 364 -3.24 27.34 22.18
CA ALA C 364 -2.09 28.00 22.79
C ALA C 364 -0.84 27.14 22.61
N TRP C 365 -0.99 25.82 22.75
CA TRP C 365 0.09 24.86 22.42
C TRP C 365 0.53 25.04 20.96
N ARG C 366 -0.42 25.10 20.02
CA ARG C 366 -0.10 25.14 18.57
C ARG C 366 0.70 26.42 18.25
N LYS C 367 0.24 27.54 18.81
CA LYS C 367 0.91 28.82 18.65
C LYS C 367 2.31 28.74 19.27
N LEU C 368 2.38 28.26 20.51
CA LEU C 368 3.63 28.09 21.25
C LEU C 368 4.62 27.26 20.42
N ALA C 369 4.14 26.12 19.92
CA ALA C 369 4.95 25.20 19.16
C ALA C 369 5.39 25.82 17.82
N SER C 370 4.52 26.59 17.19
CA SER C 370 4.81 27.23 15.90
C SER C 370 5.97 28.24 16.03
N GLU C 371 6.02 28.98 17.14
CA GLU C 371 6.97 30.07 17.30
C GLU C 371 8.31 29.61 17.87
N HIS C 372 8.29 28.64 18.80
CA HIS C 372 9.49 28.32 19.60
C HIS C 372 10.16 26.99 19.21
N ASN C 373 9.66 26.29 18.19
CA ASN C 373 10.33 25.06 17.73
C ASN C 373 11.70 25.45 17.13
N GLN C 374 12.64 24.50 17.14
CA GLN C 374 14.02 24.72 16.79
C GLN C 374 14.32 24.24 15.37
N GLY C 375 13.27 23.99 14.57
CA GLY C 375 13.38 23.52 13.19
C GLY C 375 12.25 22.57 12.86
N ILE C 376 11.90 22.49 11.58
CA ILE C 376 10.86 21.61 11.08
C ILE C 376 11.53 20.49 10.29
N GLN C 377 11.34 19.24 10.73
CA GLN C 377 11.88 18.10 10.01
C GLN C 377 11.10 17.96 8.70
N THR C 378 11.82 17.77 7.60
CA THR C 378 11.23 17.60 6.26
C THR C 378 11.77 16.32 5.64
N GLN C 379 11.22 15.96 4.47
CA GLN C 379 11.67 14.83 3.65
C GLN C 379 13.13 15.00 3.22
N ALA C 380 13.58 16.24 3.02
CA ALA C 380 14.97 16.55 2.70
C ALA C 380 15.93 16.05 3.80
N HIS C 381 15.50 16.17 5.07
CA HIS C 381 16.30 15.67 6.19
C HIS C 381 16.33 14.13 6.14
N VAL C 382 15.19 13.53 5.78
CA VAL C 382 15.04 12.08 5.74
C VAL C 382 15.86 11.48 4.58
N SER C 383 15.88 12.13 3.41
CA SER C 383 16.51 11.61 2.16
C SER C 383 18.02 11.93 2.09
N GLY C 384 18.35 13.20 1.87
CA GLY C 384 19.74 13.64 1.73
C GLY C 384 19.86 15.16 1.74
#